data_9B2T
#
_entry.id   9B2T
#
_cell.length_a   1.00
_cell.length_b   1.00
_cell.length_c   1.00
_cell.angle_alpha   90.00
_cell.angle_beta   90.00
_cell.angle_gamma   90.00
#
_symmetry.space_group_name_H-M   'P 1'
#
loop_
_entity.id
_entity.type
_entity.pdbx_description
1 polymer '601 DNA (185-MER)'
2 polymer '601 DNA (185-MER)'
3 polymer 'Histone H3.2'
4 polymer 'Histone H4'
5 polymer 'Histone H2A'
6 polymer 'Histone H2B 1.1'
7 polymer 'Serine/threonine-protein kinase haspin'
#
loop_
_entity_poly.entity_id
_entity_poly.type
_entity_poly.pdbx_seq_one_letter_code
_entity_poly.pdbx_strand_id
1 'polydeoxyribonucleotide'
;(DG)(DA)(DC)(DC)(DC)(DT)(DA)(DT)(DA)(DC)(DG)(DC)(DG)(DG)(DC)(DC)(DG)(DC)(DC)(DC)
(DA)(DT)(DC)(DA)(DG)(DA)(DA)(DT)(DC)(DC)(DC)(DG)(DG)(DT)(DG)(DC)(DC)(DG)(DA)(DG)
(DG)(DC)(DC)(DG)(DC)(DT)(DC)(DA)(DA)(DT)(DT)(DG)(DG)(DT)(DC)(DG)(DT)(DA)(DG)(DA)
(DC)(DA)(DG)(DC)(DT)(DC)(DT)(DA)(DG)(DC)(DA)(DC)(DC)(DG)(DC)(DT)(DT)(DA)(DA)(DA)
(DC)(DG)(DC)(DA)(DC)(DG)(DT)(DA)(DC)(DG)(DC)(DG)(DC)(DT)(DG)(DT)(DC)(DC)(DC)(DC)
(DC)(DG)(DC)(DG)(DT)(DT)(DT)(DT)(DA)(DA)(DC)(DC)(DG)(DC)(DC)(DA)(DA)(DG)(DG)(DG)
(DG)(DA)(DT)(DT)(DA)(DC)(DT)(DC)(DC)(DC)(DT)(DA)(DG)(DT)(DC)(DT)(DC)(DC)(DA)(DG)
(DG)(DC)(DA)(DC)(DG)(DT)(DG)(DT)(DC)(DA)(DG)(DA)(DT)(DA)(DT)(DA)(DT)(DA)(DC)(DA)
(DT)(DC)(DG)(DA)(DT)(DT)(DG)(DC)(DC)(DG)(DG)(DT)(DC)(DG)(DC)(DG)(DA)(DA)(DC)(DA)
(DG)(DC)(DG)(DA)(DC)
;
I
2 'polydeoxyribonucleotide'
;(DG)(DT)(DC)(DG)(DC)(DT)(DG)(DT)(DT)(DC)(DG)(DC)(DG)(DA)(DC)(DC)(DG)(DG)(DC)(DA)
(DA)(DT)(DC)(DG)(DA)(DT)(DG)(DT)(DA)(DT)(DA)(DT)(DA)(DT)(DC)(DT)(DG)(DA)(DC)(DA)
(DC)(DG)(DT)(DG)(DC)(DC)(DT)(DG)(DG)(DA)(DG)(DA)(DC)(DT)(DA)(DG)(DG)(DG)(DA)(DG)
(DT)(DA)(DA)(DT)(DC)(DC)(DC)(DC)(DT)(DT)(DG)(DG)(DC)(DG)(DG)(DT)(DT)(DA)(DA)(DA)
(DA)(DC)(DG)(DC)(DG)(DG)(DG)(DG)(DG)(DA)(DC)(DA)(DG)(DC)(DG)(DC)(DG)(DT)(DA)(DC)
(DG)(DT)(DG)(DC)(DG)(DT)(DT)(DT)(DA)(DA)(DG)(DC)(DG)(DG)(DT)(DG)(DC)(DT)(DA)(DG)
(DA)(DG)(DC)(DT)(DG)(DT)(DC)(DT)(DA)(DC)(DG)(DA)(DC)(DC)(DA)(DA)(DT)(DT)(DG)(DA)
(DG)(DC)(DG)(DG)(DC)(DC)(DT)(DC)(DG)(DG)(DC)(DA)(DC)(DC)(DG)(DG)(DG)(DA)(DT)(DT)
(DC)(DT)(DG)(DA)(DT)(DG)(DG)(DG)(DC)(DG)(DG)(DC)(DC)(DG)(DC)(DG)(DT)(DA)(DT)(DA)
(DG)(DG)(DG)(DT)(DC)
;
J
3 'polypeptide(L)'
;MARTKQTARKSTGGKAPRKQLATKAARKSAPATGGVKKPHRYRPGTVALREIRRYQKSTELLIRKLPFQRLVREIAQDFK
TDLRFQSSAVMALQEASEAYLVALFEDTNLCAIHAKRVTIMPKDIQLARRIRGERA
;
A,E
4 'polypeptide(L)'
;MSGRGKGGKGLGKGGAKRHRKVLRDNIQGITKPAIRRLARRGGVKRISGLIYEETRGVLKVFLENVIRDAVTYTEHAKRK
TVTAMDVVYALKRQGRTLYGFGG
;
B,F
5 'polypeptide(L)'
;MSGRGKQGGKTRAKAKTRSSRAGLQFPVGRVHRLLRKGNYAERVGAGAPVYLAAVLEYLTAEILELAGNAARDNKKTRII
PRHLQLAVRNDEELNKLLGRVTIAQGGVLPNIQSVLLPKKTESSKSAKSK
;
C,G
6 'polypeptide(L)'
;MAKSAPAPKKGSKKAVTKTQKKDGKKRRKTRKESYAIYVYKVLKQVHPDTGISSKAMSIMNSFVNDVFERIAGEASRLAH
YNKRSTITSREIQTAVRLLLPGELAKHAVSEGTKAVTKYTSAK
;
D,H
7 'polypeptide(L)'
;MHHHHHHSSGVDLGTENLYFQSMGECSQKGPVPFSHCLPTEKLQRCEKIGEGVFGEVFQTIADHTPVAIKIIAIEGPDLV
NGSHQKTFEEILPEIIISKELSLLSGEVCNRTEGFIGLNSVHCVQGSYPPLLLKAWDHYNSTKGSANDRPDFFKDDQLFI
VLEFEFGGIDLEQMRTKLSSLATAKSILHQLTASLAVAEASLRFEHRDLHWGNVLLKKTSLKKLHYTLNGKSSTIPSCGL
QVSIIDYTLSRLERDGIVVFCDVSMDEDLFTGDGDYQFDIYRLMKKENNNRWGEYHPYSNVLWLHYLTDKMLKQMTFKTK
CNTPAMKQIKRKIQEFHRTMLNFSSATDLLCQHSLFK
;
K
#
# COMPACT_ATOMS: atom_id res chain seq x y z
N LYS C 38 -42.87 42.66 -50.87
CA LYS C 38 -41.75 42.88 -49.98
C LYS C 38 -41.93 42.13 -48.67
N PRO C 39 -41.69 40.81 -48.69
CA PRO C 39 -41.88 40.01 -47.48
C PRO C 39 -40.86 40.36 -46.41
N HIS C 40 -41.25 40.12 -45.16
CA HIS C 40 -40.40 40.40 -44.01
C HIS C 40 -39.60 39.16 -43.63
N ARG C 41 -38.30 39.35 -43.44
CA ARG C 41 -37.41 38.24 -43.09
C ARG C 41 -36.45 38.69 -42.00
N TYR C 42 -36.25 37.82 -41.01
CA TYR C 42 -35.34 38.10 -39.91
C TYR C 42 -33.94 37.61 -40.25
N ARG C 43 -32.94 38.30 -39.70
CA ARG C 43 -31.56 37.89 -39.92
C ARG C 43 -31.27 36.59 -39.16
N PRO C 44 -30.32 35.80 -39.64
CA PRO C 44 -29.99 34.54 -38.96
C PRO C 44 -29.43 34.75 -37.57
N GLY C 45 -30.16 34.33 -36.54
CA GLY C 45 -29.69 34.44 -35.18
C GLY C 45 -30.70 35.04 -34.22
N THR C 46 -31.62 35.85 -34.74
CA THR C 46 -32.61 36.49 -33.89
C THR C 46 -33.60 35.48 -33.32
N VAL C 47 -34.16 34.64 -34.19
CA VAL C 47 -35.13 33.65 -33.75
C VAL C 47 -34.49 32.63 -32.82
N ALA C 48 -33.22 32.30 -33.05
CA ALA C 48 -32.53 31.37 -32.15
C ALA C 48 -32.43 31.94 -30.74
N LEU C 49 -32.10 33.23 -30.62
CA LEU C 49 -32.03 33.84 -29.30
C LEU C 49 -33.42 33.94 -28.67
N ARG C 50 -34.45 34.22 -29.48
CA ARG C 50 -35.80 34.24 -28.95
C ARG C 50 -36.19 32.89 -28.37
N GLU C 51 -35.88 31.81 -29.09
CA GLU C 51 -36.19 30.47 -28.59
C GLU C 51 -35.38 30.13 -27.35
N ILE C 52 -34.11 30.57 -27.30
CA ILE C 52 -33.29 30.33 -26.11
C ILE C 52 -33.92 30.99 -24.90
N ARG C 53 -34.37 32.24 -25.07
CA ARG C 53 -35.01 32.94 -23.96
C ARG C 53 -36.32 32.27 -23.57
N ARG C 54 -37.10 31.81 -24.56
CA ARG C 54 -38.40 31.23 -24.25
C ARG C 54 -38.28 29.91 -23.51
N TYR C 55 -37.37 29.03 -23.96
CA TYR C 55 -37.30 27.69 -23.40
C TYR C 55 -36.55 27.62 -22.08
N GLN C 56 -35.88 28.69 -21.67
CA GLN C 56 -35.21 28.74 -20.39
C GLN C 56 -36.10 29.31 -19.28
N LYS C 57 -37.36 29.62 -19.60
CA LYS C 57 -38.28 30.18 -18.64
C LYS C 57 -39.36 29.22 -18.18
N SER C 58 -39.73 28.24 -19.01
CA SER C 58 -40.76 27.28 -18.67
C SER C 58 -40.15 25.99 -18.14
N THR C 59 -41.01 25.05 -17.75
CA THR C 59 -40.57 23.81 -17.11
C THR C 59 -41.21 22.55 -17.69
N GLU C 60 -41.87 22.63 -18.84
CA GLU C 60 -42.54 21.45 -19.35
C GLU C 60 -41.52 20.47 -19.96
N LEU C 61 -42.02 19.30 -20.34
CA LEU C 61 -41.21 18.32 -21.05
C LEU C 61 -41.22 18.60 -22.54
N LEU C 62 -40.10 18.30 -23.20
CA LEU C 62 -39.88 18.67 -24.59
C LEU C 62 -39.92 17.50 -25.54
N ILE C 63 -40.13 16.27 -25.06
CA ILE C 63 -40.18 15.09 -25.89
C ILE C 63 -41.59 14.52 -25.82
N ARG C 64 -42.10 14.07 -26.96
CA ARG C 64 -43.42 13.45 -27.00
C ARG C 64 -43.43 12.18 -26.16
N LYS C 65 -44.59 11.87 -25.58
CA LYS C 65 -44.65 10.82 -24.57
C LYS C 65 -44.76 9.42 -25.18
N LEU C 66 -45.59 9.26 -26.21
CA LEU C 66 -45.78 7.94 -26.79
C LEU C 66 -44.50 7.37 -27.40
N PRO C 67 -43.73 8.09 -28.23
CA PRO C 67 -42.47 7.52 -28.71
C PRO C 67 -41.50 7.15 -27.61
N PHE C 68 -41.43 7.96 -26.55
CA PHE C 68 -40.52 7.65 -25.44
C PHE C 68 -40.96 6.37 -24.74
N GLN C 69 -42.27 6.21 -24.53
CA GLN C 69 -42.77 4.99 -23.91
C GLN C 69 -42.47 3.77 -24.77
N ARG C 70 -42.67 3.89 -26.08
CA ARG C 70 -42.37 2.78 -26.97
C ARG C 70 -40.89 2.41 -26.92
N LEU C 71 -40.01 3.42 -26.93
CA LEU C 71 -38.59 3.16 -26.85
C LEU C 71 -38.21 2.48 -25.54
N VAL C 72 -38.80 2.93 -24.43
CA VAL C 72 -38.51 2.33 -23.14
C VAL C 72 -38.90 0.86 -23.11
N ARG C 73 -40.11 0.56 -23.61
CA ARG C 73 -40.56 -0.82 -23.64
C ARG C 73 -39.67 -1.68 -24.53
N GLU C 74 -39.29 -1.15 -25.70
CA GLU C 74 -38.45 -1.91 -26.61
C GLU C 74 -37.09 -2.21 -26.00
N ILE C 75 -36.48 -1.22 -25.33
CA ILE C 75 -35.20 -1.47 -24.67
C ILE C 75 -35.35 -2.48 -23.55
N ALA C 76 -36.42 -2.36 -22.75
CA ALA C 76 -36.58 -3.25 -21.61
C ALA C 76 -36.90 -4.68 -22.02
N GLN C 77 -37.47 -4.90 -23.21
CA GLN C 77 -37.85 -6.26 -23.60
C GLN C 77 -36.65 -7.18 -23.81
N ASP C 78 -35.44 -6.65 -23.86
CA ASP C 78 -34.25 -7.50 -24.05
C ASP C 78 -33.75 -8.12 -22.76
N PHE C 79 -34.27 -7.72 -21.61
CA PHE C 79 -33.85 -8.30 -20.33
C PHE C 79 -34.88 -9.24 -19.74
N LYS C 80 -36.16 -9.04 -20.03
CA LYS C 80 -37.22 -9.92 -19.56
C LYS C 80 -38.38 -9.84 -20.54
N THR C 81 -39.23 -10.85 -20.52
CA THR C 81 -40.34 -10.96 -21.44
C THR C 81 -41.66 -10.79 -20.69
N ASP C 82 -42.62 -10.13 -21.34
CA ASP C 82 -43.93 -9.83 -20.75
C ASP C 82 -43.78 -9.05 -19.45
N LEU C 83 -43.24 -7.84 -19.57
CA LEU C 83 -43.12 -6.92 -18.45
C LEU C 83 -44.21 -5.86 -18.52
N ARG C 84 -44.54 -5.29 -17.37
CA ARG C 84 -45.52 -4.22 -17.28
C ARG C 84 -44.91 -3.06 -16.49
N PHE C 85 -45.38 -1.85 -16.79
CA PHE C 85 -44.83 -0.63 -16.22
C PHE C 85 -45.94 0.20 -15.58
N GLN C 86 -45.56 0.97 -14.57
CA GLN C 86 -46.41 2.03 -14.04
C GLN C 86 -46.07 3.33 -14.72
N SER C 87 -47.07 4.21 -14.86
CA SER C 87 -46.86 5.49 -15.52
C SER C 87 -45.82 6.33 -14.79
N SER C 88 -45.74 6.18 -13.46
CA SER C 88 -44.76 6.93 -12.70
C SER C 88 -43.34 6.57 -13.10
N ALA C 89 -43.09 5.30 -13.41
CA ALA C 89 -41.76 4.87 -13.84
C ALA C 89 -41.37 5.55 -15.14
N VAL C 90 -42.29 5.59 -16.10
CA VAL C 90 -42.01 6.24 -17.38
C VAL C 90 -41.75 7.74 -17.17
N MET C 91 -42.56 8.38 -16.33
CA MET C 91 -42.36 9.81 -16.08
C MET C 91 -41.01 10.07 -15.44
N ALA C 92 -40.61 9.25 -14.47
CA ALA C 92 -39.32 9.43 -13.82
C ALA C 92 -38.18 9.25 -14.81
N LEU C 93 -38.27 8.22 -15.67
CA LEU C 93 -37.22 8.00 -16.66
C LEU C 93 -37.12 9.20 -17.60
N GLN C 94 -38.26 9.73 -18.04
CA GLN C 94 -38.23 10.87 -18.95
C GLN C 94 -37.58 12.09 -18.29
N GLU C 95 -37.94 12.36 -17.03
CA GLU C 95 -37.36 13.52 -16.34
C GLU C 95 -35.84 13.37 -16.22
N ALA C 96 -35.38 12.19 -15.80
CA ALA C 96 -33.94 11.99 -15.64
C ALA C 96 -33.22 12.14 -16.97
N SER C 97 -33.78 11.56 -18.04
CA SER C 97 -33.14 11.65 -19.34
C SER C 97 -33.03 13.09 -19.82
N GLU C 98 -34.10 13.87 -19.67
CA GLU C 98 -34.06 15.25 -20.12
C GLU C 98 -33.03 16.06 -19.33
N ALA C 99 -32.97 15.87 -18.02
CA ALA C 99 -31.98 16.60 -17.22
C ALA C 99 -30.57 16.25 -17.66
N TYR C 100 -30.29 14.97 -17.87
CA TYR C 100 -28.96 14.54 -18.30
C TYR C 100 -28.59 15.16 -19.64
N LEU C 101 -29.52 15.15 -20.59
CA LEU C 101 -29.23 15.70 -21.91
C LEU C 101 -28.96 17.20 -21.85
N VAL C 102 -29.74 17.93 -21.04
CA VAL C 102 -29.53 19.37 -20.93
C VAL C 102 -28.15 19.67 -20.36
N ALA C 103 -27.74 18.95 -19.30
CA ALA C 103 -26.42 19.18 -18.73
C ALA C 103 -25.32 18.90 -19.75
N LEU C 104 -25.46 17.79 -20.49
CA LEU C 104 -24.47 17.45 -21.50
C LEU C 104 -24.37 18.54 -22.56
N PHE C 105 -25.51 19.09 -22.98
CA PHE C 105 -25.48 20.13 -24.00
C PHE C 105 -24.82 21.40 -23.49
N GLU C 106 -25.02 21.73 -22.20
CA GLU C 106 -24.33 22.86 -21.62
C GLU C 106 -22.81 22.68 -21.69
N ASP C 107 -22.34 21.49 -21.29
CA ASP C 107 -20.90 21.24 -21.35
C ASP C 107 -20.37 21.29 -22.78
N THR C 108 -21.15 20.75 -23.72
CA THR C 108 -20.75 20.80 -25.13
C THR C 108 -20.63 22.23 -25.63
N ASN C 109 -21.56 23.10 -25.22
CA ASN C 109 -21.48 24.50 -25.62
C ASN C 109 -20.22 25.15 -25.07
N LEU C 110 -19.88 24.86 -23.81
CA LEU C 110 -18.66 25.41 -23.24
C LEU C 110 -17.44 24.97 -24.05
N CYS C 111 -17.36 23.68 -24.38
CA CYS C 111 -16.21 23.18 -25.14
C CYS C 111 -16.14 23.83 -26.52
N ALA C 112 -17.29 24.00 -27.18
CA ALA C 112 -17.29 24.64 -28.50
C ALA C 112 -16.82 26.07 -28.41
N ILE C 113 -17.25 26.80 -27.38
CA ILE C 113 -16.82 28.19 -27.20
C ILE C 113 -15.31 28.26 -26.95
N HIS C 114 -14.76 27.27 -26.24
CA HIS C 114 -13.34 27.32 -25.90
C HIS C 114 -12.45 27.36 -27.14
N ALA C 115 -12.85 26.70 -28.23
CA ALA C 115 -12.02 26.58 -29.42
C ALA C 115 -12.32 27.65 -30.46
N LYS C 116 -12.83 28.81 -30.05
CA LYS C 116 -13.10 29.93 -30.95
C LYS C 116 -14.09 29.55 -32.04
N ARG C 117 -15.29 29.15 -31.60
CA ARG C 117 -16.35 28.76 -32.51
C ARG C 117 -17.69 29.02 -31.85
N VAL C 118 -18.74 29.08 -32.66
CA VAL C 118 -20.11 29.22 -32.16
C VAL C 118 -20.99 28.06 -32.57
N THR C 119 -20.45 27.05 -33.25
CA THR C 119 -21.20 25.88 -33.70
C THR C 119 -20.69 24.66 -32.96
N ILE C 120 -21.60 23.84 -32.44
CA ILE C 120 -21.25 22.63 -31.72
C ILE C 120 -21.04 21.49 -32.71
N MET C 121 -20.07 20.65 -32.43
CA MET C 121 -19.67 19.54 -33.29
C MET C 121 -19.50 18.29 -32.44
N PRO C 122 -19.56 17.10 -33.07
CA PRO C 122 -19.45 15.86 -32.29
C PRO C 122 -18.17 15.74 -31.48
N LYS C 123 -17.07 16.32 -31.95
CA LYS C 123 -15.82 16.25 -31.18
C LYS C 123 -15.97 16.93 -29.82
N ASP C 124 -16.78 17.98 -29.74
CA ASP C 124 -17.03 18.62 -28.46
C ASP C 124 -17.74 17.68 -27.49
N ILE C 125 -18.74 16.93 -27.99
CA ILE C 125 -19.43 15.96 -27.16
C ILE C 125 -18.47 14.88 -26.70
N GLN C 126 -17.62 14.39 -27.61
CA GLN C 126 -16.67 13.36 -27.24
C GLN C 126 -15.69 13.84 -26.18
N LEU C 127 -15.18 15.06 -26.32
CA LEU C 127 -14.26 15.60 -25.33
C LEU C 127 -14.93 15.79 -23.99
N ALA C 128 -16.17 16.30 -23.99
CA ALA C 128 -16.88 16.50 -22.73
C ALA C 128 -17.13 15.18 -22.02
N ARG C 129 -17.54 14.15 -22.76
CA ARG C 129 -17.77 12.85 -22.16
C ARG C 129 -16.47 12.22 -21.65
N ARG C 130 -15.37 12.41 -22.39
CA ARG C 130 -14.10 11.87 -21.95
C ARG C 130 -13.63 12.53 -20.67
N ILE C 131 -13.76 13.86 -20.57
CA ILE C 131 -13.29 14.56 -19.36
C ILE C 131 -14.20 14.24 -18.18
N ARG C 132 -15.51 14.15 -18.42
CA ARG C 132 -16.44 13.87 -17.33
C ARG C 132 -16.16 12.52 -16.68
N GLY C 133 -15.59 11.58 -17.44
CA GLY C 133 -15.28 10.25 -16.93
C GLY C 133 -16.06 9.13 -17.58
N GLU C 134 -17.12 9.42 -18.34
CA GLU C 134 -17.88 8.37 -19.01
C GLU C 134 -17.13 7.88 -20.24
N ARG C 135 -16.98 6.57 -20.35
CA ARG C 135 -16.26 6.00 -21.48
C ARG C 135 -17.07 6.11 -22.76
N LYS D 21 -46.75 -7.22 -29.13
CA LYS D 21 -45.92 -7.74 -30.21
C LYS D 21 -44.53 -7.10 -30.17
N VAL D 22 -43.59 -7.68 -30.93
CA VAL D 22 -42.22 -7.21 -30.93
C VAL D 22 -42.16 -5.81 -31.57
N LEU D 23 -41.38 -4.93 -30.96
CA LEU D 23 -41.21 -3.57 -31.44
C LEU D 23 -39.84 -3.41 -32.08
N ARG D 24 -39.76 -2.55 -33.08
CA ARG D 24 -38.51 -2.29 -33.78
C ARG D 24 -38.53 -0.89 -34.36
N ASP D 25 -37.34 -0.29 -34.46
CA ASP D 25 -37.13 1.03 -35.06
C ASP D 25 -37.99 2.05 -34.31
N ASN D 26 -37.57 2.32 -33.08
CA ASN D 26 -38.21 3.34 -32.25
C ASN D 26 -37.27 4.45 -31.83
N ILE D 27 -35.96 4.28 -32.02
CA ILE D 27 -35.02 5.36 -31.73
C ILE D 27 -35.22 6.54 -32.66
N GLN D 28 -35.83 6.32 -33.83
CA GLN D 28 -36.13 7.40 -34.75
C GLN D 28 -37.28 8.28 -34.26
N GLY D 29 -37.98 7.88 -33.21
CA GLY D 29 -39.03 8.70 -32.65
C GLY D 29 -38.55 9.92 -31.88
N ILE D 30 -37.25 9.98 -31.59
CA ILE D 30 -36.65 11.17 -30.99
C ILE D 30 -36.29 12.09 -32.16
N THR D 31 -37.26 12.88 -32.59
CA THR D 31 -37.13 13.66 -33.81
C THR D 31 -36.10 14.76 -33.65
N LYS D 32 -35.68 15.31 -34.80
CA LYS D 32 -34.73 16.40 -34.80
C LYS D 32 -35.22 17.66 -34.09
N PRO D 33 -36.48 18.11 -34.25
CA PRO D 33 -36.94 19.26 -33.47
C PRO D 33 -36.86 19.07 -31.96
N ALA D 34 -37.06 17.85 -31.45
CA ALA D 34 -36.93 17.64 -30.01
C ALA D 34 -35.51 17.87 -29.53
N ILE D 35 -34.53 17.35 -30.29
CA ILE D 35 -33.13 17.57 -29.94
C ILE D 35 -32.80 19.06 -30.03
N ARG D 36 -33.35 19.75 -31.04
CA ARG D 36 -33.12 21.17 -31.16
C ARG D 36 -33.68 21.93 -29.97
N ARG D 37 -34.88 21.55 -29.50
CA ARG D 37 -35.45 22.20 -28.32
C ARG D 37 -34.60 21.96 -27.08
N LEU D 38 -34.11 20.73 -26.91
CA LEU D 38 -33.25 20.45 -25.76
C LEU D 38 -31.97 21.27 -25.82
N ALA D 39 -31.38 21.40 -27.02
CA ALA D 39 -30.19 22.23 -27.17
C ALA D 39 -30.48 23.69 -26.85
N ARG D 40 -31.64 24.19 -27.30
CA ARG D 40 -32.00 25.57 -27.02
C ARG D 40 -32.15 25.81 -25.52
N ARG D 41 -32.76 24.87 -24.81
CA ARG D 41 -32.82 24.97 -23.36
C ARG D 41 -31.41 24.92 -22.76
N GLY D 42 -30.50 24.19 -23.40
CA GLY D 42 -29.13 24.16 -22.93
C GLY D 42 -28.35 25.43 -23.18
N GLY D 43 -28.80 26.25 -24.12
CA GLY D 43 -28.14 27.51 -24.43
C GLY D 43 -27.32 27.54 -25.69
N VAL D 44 -27.68 26.76 -26.70
CA VAL D 44 -26.90 26.63 -27.93
C VAL D 44 -27.55 27.44 -29.03
N LYS D 45 -26.74 28.17 -29.80
CA LYS D 45 -27.22 29.05 -30.85
C LYS D 45 -27.17 28.40 -32.24
N ARG D 46 -26.13 27.64 -32.55
CA ARG D 46 -26.00 26.98 -33.83
C ARG D 46 -25.64 25.52 -33.62
N ILE D 47 -26.17 24.65 -34.49
CA ILE D 47 -26.02 23.21 -34.36
C ILE D 47 -25.55 22.64 -35.70
N SER D 48 -24.57 21.75 -35.63
CA SER D 48 -24.12 21.05 -36.83
C SER D 48 -25.14 20.00 -37.25
N GLY D 49 -24.94 19.44 -38.43
CA GLY D 49 -25.86 18.48 -39.00
C GLY D 49 -25.63 17.03 -38.60
N LEU D 50 -24.64 16.76 -37.76
CA LEU D 50 -24.30 15.39 -37.37
C LEU D 50 -24.41 15.16 -35.87
N ILE D 51 -25.12 16.03 -35.16
CA ILE D 51 -25.23 15.90 -33.71
C ILE D 51 -26.30 14.88 -33.32
N TYR D 52 -27.32 14.72 -34.17
CA TYR D 52 -28.49 13.94 -33.78
C TYR D 52 -28.15 12.47 -33.55
N GLU D 53 -27.32 11.89 -34.40
CA GLU D 53 -26.95 10.48 -34.23
C GLU D 53 -26.18 10.26 -32.94
N GLU D 54 -25.24 11.14 -32.64
CA GLU D 54 -24.48 11.03 -31.39
C GLU D 54 -25.40 11.16 -30.18
N THR D 55 -26.35 12.10 -30.25
CA THR D 55 -27.29 12.25 -29.14
C THR D 55 -28.13 11.01 -28.95
N ARG D 56 -28.58 10.40 -30.05
CA ARG D 56 -29.37 9.18 -29.96
C ARG D 56 -28.57 8.04 -29.35
N GLY D 57 -27.30 7.90 -29.73
CA GLY D 57 -26.46 6.88 -29.13
C GLY D 57 -26.27 7.07 -27.63
N VAL D 58 -25.99 8.31 -27.22
CA VAL D 58 -25.80 8.60 -25.80
C VAL D 58 -27.07 8.26 -25.02
N LEU D 59 -28.23 8.69 -25.55
CA LEU D 59 -29.49 8.41 -24.87
C LEU D 59 -29.73 6.91 -24.75
N LYS D 60 -29.42 6.17 -25.82
CA LYS D 60 -29.62 4.72 -25.78
C LYS D 60 -28.76 4.08 -24.69
N VAL D 61 -27.50 4.49 -24.58
CA VAL D 61 -26.63 3.90 -23.56
C VAL D 61 -27.16 4.21 -22.16
N PHE D 62 -27.53 5.46 -21.92
CA PHE D 62 -28.03 5.85 -20.60
C PHE D 62 -29.28 5.06 -20.23
N LEU D 63 -30.24 4.98 -21.16
CA LEU D 63 -31.46 4.24 -20.89
C LEU D 63 -31.19 2.77 -20.65
N GLU D 64 -30.26 2.18 -21.41
CA GLU D 64 -29.93 0.77 -21.22
C GLU D 64 -29.44 0.52 -19.81
N ASN D 65 -28.51 1.34 -19.33
CA ASN D 65 -27.97 1.13 -17.98
C ASN D 65 -29.06 1.25 -16.92
N VAL D 66 -29.85 2.33 -16.98
CA VAL D 66 -30.86 2.55 -15.95
C VAL D 66 -31.89 1.43 -15.96
N ILE D 67 -32.35 1.04 -17.15
CA ILE D 67 -33.40 0.03 -17.24
C ILE D 67 -32.89 -1.33 -16.78
N ARG D 68 -31.63 -1.66 -17.07
CA ARG D 68 -31.08 -2.92 -16.57
C ARG D 68 -31.09 -2.95 -15.06
N ASP D 69 -30.64 -1.87 -14.41
CA ASP D 69 -30.63 -1.85 -12.95
C ASP D 69 -32.04 -1.96 -12.38
N ALA D 70 -32.99 -1.23 -12.97
CA ALA D 70 -34.37 -1.27 -12.48
C ALA D 70 -34.97 -2.67 -12.62
N VAL D 71 -34.70 -3.34 -13.74
CA VAL D 71 -35.26 -4.67 -13.96
C VAL D 71 -34.65 -5.67 -12.97
N THR D 72 -33.36 -5.54 -12.68
CA THR D 72 -32.79 -6.41 -11.66
C THR D 72 -33.47 -6.19 -10.30
N TYR D 73 -33.68 -4.93 -9.94
CA TYR D 73 -34.34 -4.64 -8.66
C TYR D 73 -35.74 -5.22 -8.61
N THR D 74 -36.50 -5.09 -9.69
CA THR D 74 -37.86 -5.63 -9.69
C THR D 74 -37.89 -7.15 -9.79
N GLU D 75 -36.82 -7.77 -10.31
CA GLU D 75 -36.77 -9.22 -10.38
C GLU D 75 -36.44 -9.84 -9.02
N HIS D 76 -35.61 -9.17 -8.22
CA HIS D 76 -35.30 -9.72 -6.90
C HIS D 76 -36.55 -9.84 -6.03
N ALA D 77 -37.47 -8.88 -6.13
CA ALA D 77 -38.65 -8.84 -5.29
C ALA D 77 -39.75 -9.79 -5.74
N LYS D 78 -39.51 -10.60 -6.77
CA LYS D 78 -40.47 -11.58 -7.26
C LYS D 78 -41.76 -10.90 -7.73
N ARG D 79 -41.61 -9.96 -8.65
CA ARG D 79 -42.74 -9.21 -9.20
C ARG D 79 -42.68 -9.24 -10.72
N LYS D 80 -43.79 -8.83 -11.33
CA LYS D 80 -43.88 -8.75 -12.78
C LYS D 80 -44.19 -7.35 -13.28
N THR D 81 -44.20 -6.35 -12.40
CA THR D 81 -44.49 -4.97 -12.76
C THR D 81 -43.37 -4.08 -12.23
N VAL D 82 -42.87 -3.19 -13.09
CA VAL D 82 -41.82 -2.26 -12.69
C VAL D 82 -42.47 -1.05 -12.06
N THR D 83 -42.08 -0.74 -10.83
CA THR D 83 -42.65 0.37 -10.07
C THR D 83 -41.71 1.56 -10.10
N ALA D 84 -42.22 2.71 -9.62
CA ALA D 84 -41.41 3.92 -9.59
C ALA D 84 -40.28 3.84 -8.57
N MET D 85 -40.50 3.13 -7.47
CA MET D 85 -39.47 3.05 -6.44
C MET D 85 -38.24 2.29 -6.93
N ASP D 86 -38.45 1.31 -7.82
CA ASP D 86 -37.30 0.62 -8.42
C ASP D 86 -36.45 1.58 -9.25
N VAL D 87 -37.10 2.44 -10.04
CA VAL D 87 -36.38 3.43 -10.82
C VAL D 87 -35.64 4.40 -9.91
N VAL D 88 -36.30 4.83 -8.82
CA VAL D 88 -35.65 5.75 -7.89
C VAL D 88 -34.43 5.09 -7.26
N TYR D 89 -34.55 3.83 -6.86
CA TYR D 89 -33.41 3.12 -6.27
C TYR D 89 -32.27 2.98 -7.27
N ALA D 90 -32.58 2.65 -8.53
CA ALA D 90 -31.55 2.52 -9.54
C ALA D 90 -30.84 3.85 -9.78
N LEU D 91 -31.60 4.94 -9.86
CA LEU D 91 -31.00 6.24 -10.08
C LEU D 91 -30.11 6.64 -8.90
N LYS D 92 -30.57 6.38 -7.67
CA LYS D 92 -29.75 6.69 -6.49
C LYS D 92 -28.47 5.86 -6.48
N ARG D 93 -28.57 4.59 -6.85
CA ARG D 93 -27.37 3.74 -6.92
C ARG D 93 -26.39 4.26 -7.96
N GLN D 94 -26.90 4.73 -9.10
CA GLN D 94 -26.03 5.27 -10.13
C GLN D 94 -25.35 6.56 -9.73
N GLY D 95 -25.91 7.30 -8.77
CA GLY D 95 -25.39 8.58 -8.37
C GLY D 95 -26.14 9.77 -8.91
N ARG D 96 -27.44 9.64 -9.15
CA ARG D 96 -28.24 10.69 -9.77
C ARG D 96 -29.57 10.85 -9.01
N THR D 97 -29.47 11.00 -7.69
CA THR D 97 -30.64 11.11 -6.82
C THR D 97 -31.68 12.06 -7.39
N LEU D 98 -32.94 11.63 -7.32
CA LEU D 98 -34.06 12.37 -7.89
C LEU D 98 -35.12 12.59 -6.82
N TYR D 99 -35.63 13.81 -6.73
CA TYR D 99 -36.62 14.20 -5.74
C TYR D 99 -37.98 14.37 -6.39
N GLY D 100 -39.03 13.85 -5.74
CA GLY D 100 -40.38 14.10 -6.19
C GLY D 100 -41.25 12.87 -6.33
N PHE D 101 -40.69 11.78 -6.85
CA PHE D 101 -41.46 10.56 -7.09
C PHE D 101 -41.39 9.61 -5.91
N GLY D 102 -41.75 10.11 -4.73
CA GLY D 102 -41.76 9.27 -3.55
C GLY D 102 -40.35 8.92 -3.08
N GLY D 103 -40.31 8.02 -2.10
CA GLY D 103 -39.06 7.57 -1.54
C GLY D 103 -38.29 8.67 -0.83
N THR E 17 -13.81 -28.41 9.76
CA THR E 17 -14.00 -26.99 9.50
C THR E 17 -14.98 -26.76 8.36
N ARG E 18 -15.71 -25.64 8.44
CA ARG E 18 -16.71 -25.34 7.41
C ARG E 18 -16.07 -25.07 6.06
N SER E 19 -14.92 -24.41 6.03
CA SER E 19 -14.28 -24.08 4.76
C SER E 19 -13.74 -25.31 4.05
N SER E 20 -13.45 -26.39 4.77
CA SER E 20 -12.97 -27.60 4.12
C SER E 20 -14.10 -28.37 3.44
N ARG E 21 -15.30 -28.34 4.01
CA ARG E 21 -16.43 -29.04 3.40
C ARG E 21 -16.86 -28.38 2.09
N ALA E 22 -16.63 -27.07 1.96
CA ALA E 22 -16.99 -26.36 0.74
C ALA E 22 -15.88 -26.36 -0.30
N GLY E 23 -14.70 -26.90 0.03
CA GLY E 23 -13.61 -26.90 -0.92
C GLY E 23 -12.95 -25.56 -1.14
N LEU E 24 -13.08 -24.64 -0.19
CA LEU E 24 -12.54 -23.30 -0.31
C LEU E 24 -11.22 -23.16 0.44
N GLN E 25 -10.56 -22.03 0.24
CA GLN E 25 -9.34 -21.69 0.96
C GLN E 25 -9.51 -20.49 1.88
N PHE E 26 -10.39 -19.55 1.53
CA PHE E 26 -10.69 -18.43 2.42
C PHE E 26 -11.52 -18.92 3.60
N PRO E 27 -11.37 -18.28 4.77
CA PRO E 27 -12.11 -18.74 5.94
C PRO E 27 -13.60 -18.49 5.81
N VAL E 28 -14.39 -19.38 6.39
CA VAL E 28 -15.84 -19.25 6.41
C VAL E 28 -16.34 -18.81 7.78
N GLY E 29 -15.76 -19.34 8.85
CA GLY E 29 -16.15 -18.91 10.18
C GLY E 29 -15.82 -17.44 10.43
N ARG E 30 -14.66 -16.99 9.98
CA ARG E 30 -14.28 -15.60 10.16
C ARG E 30 -15.22 -14.66 9.40
N VAL E 31 -15.61 -15.05 8.18
CA VAL E 31 -16.56 -14.23 7.42
C VAL E 31 -17.89 -14.16 8.14
N HIS E 32 -18.35 -15.29 8.70
CA HIS E 32 -19.60 -15.30 9.45
C HIS E 32 -19.52 -14.39 10.65
N ARG E 33 -18.41 -14.44 11.39
CA ARG E 33 -18.26 -13.58 12.57
C ARG E 33 -18.23 -12.11 12.18
N LEU E 34 -17.52 -11.77 11.10
CA LEU E 34 -17.48 -10.39 10.66
C LEU E 34 -18.83 -9.90 10.16
N LEU E 35 -19.63 -10.79 9.57
CA LEU E 35 -20.98 -10.41 9.15
C LEU E 35 -21.90 -10.21 10.35
N ARG E 36 -21.74 -11.04 11.38
CA ARG E 36 -22.68 -11.05 12.49
C ARG E 36 -22.55 -9.86 13.42
N LYS E 37 -21.38 -9.22 13.49
CA LYS E 37 -21.19 -8.09 14.40
C LYS E 37 -20.73 -6.84 13.66
N GLY E 38 -21.25 -6.63 12.45
CA GLY E 38 -21.00 -5.42 11.71
C GLY E 38 -22.19 -4.51 11.54
N ASN E 39 -23.30 -4.78 12.21
CA ASN E 39 -24.54 -4.01 12.09
C ASN E 39 -25.02 -3.96 10.63
N TYR E 40 -25.30 -5.14 10.10
CA TYR E 40 -25.86 -5.29 8.76
C TYR E 40 -27.31 -5.72 8.76
N ALA E 41 -27.66 -6.70 9.59
CA ALA E 41 -29.04 -7.16 9.72
C ALA E 41 -29.18 -7.87 11.05
N GLU E 42 -30.43 -8.08 11.46
CA GLU E 42 -30.69 -8.73 12.75
C GLU E 42 -30.19 -10.16 12.76
N ARG E 43 -30.44 -10.91 11.68
CA ARG E 43 -30.05 -12.31 11.58
C ARG E 43 -29.29 -12.55 10.29
N VAL E 44 -28.42 -13.57 10.32
CA VAL E 44 -27.59 -13.93 9.17
C VAL E 44 -27.79 -15.40 8.88
N GLY E 45 -28.08 -15.73 7.62
CA GLY E 45 -28.34 -17.09 7.22
C GLY E 45 -27.07 -17.94 7.24
N ALA E 46 -27.26 -19.22 6.94
CA ALA E 46 -26.17 -20.20 6.97
C ALA E 46 -25.51 -20.41 5.61
N GLY E 47 -25.89 -19.66 4.59
CA GLY E 47 -25.32 -19.83 3.28
C GLY E 47 -24.57 -18.62 2.76
N ALA E 48 -24.78 -17.47 3.39
CA ALA E 48 -24.11 -16.24 2.95
C ALA E 48 -22.59 -16.31 3.07
N PRO E 49 -22.00 -16.74 4.18
CA PRO E 49 -20.52 -16.76 4.25
C PRO E 49 -19.87 -17.60 3.18
N VAL E 50 -20.46 -18.74 2.80
CA VAL E 50 -19.88 -19.59 1.77
C VAL E 50 -19.85 -18.85 0.43
N TYR E 51 -20.97 -18.24 0.07
CA TYR E 51 -21.03 -17.47 -1.18
C TYR E 51 -20.00 -16.35 -1.17
N LEU E 52 -19.93 -15.59 -0.08
CA LEU E 52 -19.00 -14.46 -0.02
C LEU E 52 -17.55 -14.93 -0.12
N ALA E 53 -17.19 -16.00 0.59
CA ALA E 53 -15.84 -16.51 0.53
C ALA E 53 -15.48 -16.99 -0.87
N ALA E 54 -16.41 -17.67 -1.54
CA ALA E 54 -16.15 -18.13 -2.90
C ALA E 54 -15.89 -16.95 -3.84
N VAL E 55 -16.73 -15.91 -3.74
CA VAL E 55 -16.56 -14.75 -4.62
C VAL E 55 -15.22 -14.06 -4.39
N LEU E 56 -14.87 -13.87 -3.11
CA LEU E 56 -13.61 -13.20 -2.79
C LEU E 56 -12.42 -14.01 -3.28
N GLU E 57 -12.46 -15.33 -3.10
CA GLU E 57 -11.36 -16.17 -3.57
C GLU E 57 -11.22 -16.10 -5.08
N TYR E 58 -12.35 -16.12 -5.81
CA TYR E 58 -12.28 -16.04 -7.26
C TYR E 58 -11.62 -14.74 -7.73
N LEU E 59 -12.06 -13.61 -7.16
CA LEU E 59 -11.50 -12.32 -7.57
C LEU E 59 -10.01 -12.25 -7.26
N THR E 60 -9.62 -12.72 -6.06
CA THR E 60 -8.21 -12.70 -5.71
C THR E 60 -7.37 -13.54 -6.66
N ALA E 61 -7.87 -14.73 -7.02
CA ALA E 61 -7.13 -15.60 -7.93
C ALA E 61 -6.95 -14.94 -9.29
N GLU E 62 -8.01 -14.32 -9.81
CA GLU E 62 -7.90 -13.66 -11.11
C GLU E 62 -6.84 -12.56 -11.10
N ILE E 63 -6.92 -11.66 -10.11
CA ILE E 63 -5.98 -10.55 -10.05
C ILE E 63 -4.56 -11.07 -9.88
N LEU E 64 -4.37 -12.07 -9.02
CA LEU E 64 -3.03 -12.59 -8.76
C LEU E 64 -2.44 -13.22 -10.01
N GLU E 65 -3.25 -13.95 -10.78
CA GLU E 65 -2.73 -14.55 -12.01
C GLU E 65 -2.28 -13.49 -12.99
N LEU E 66 -3.09 -12.44 -13.16
CA LEU E 66 -2.68 -11.38 -14.09
C LEU E 66 -1.40 -10.69 -13.64
N ALA E 67 -1.30 -10.40 -12.34
CA ALA E 67 -0.10 -9.74 -11.82
C ALA E 67 1.13 -10.62 -11.97
N GLY E 68 0.98 -11.93 -11.73
CA GLY E 68 2.10 -12.83 -11.91
C GLY E 68 2.57 -12.91 -13.35
N ASN E 69 1.63 -12.90 -14.29
CA ASN E 69 2.01 -12.86 -15.70
C ASN E 69 2.80 -11.60 -16.01
N ALA E 70 2.33 -10.45 -15.53
CA ALA E 70 3.04 -9.20 -15.77
C ALA E 70 4.44 -9.24 -15.16
N ALA E 71 4.57 -9.79 -13.95
CA ALA E 71 5.87 -9.88 -13.30
C ALA E 71 6.82 -10.78 -14.07
N ARG E 72 6.33 -11.93 -14.55
CA ARG E 72 7.19 -12.83 -15.31
C ARG E 72 7.62 -12.22 -16.63
N ASP E 73 6.78 -11.34 -17.18
CA ASP E 73 7.17 -10.65 -18.42
C ASP E 73 8.45 -9.83 -18.18
N ASN E 74 8.51 -9.11 -17.06
CA ASN E 74 9.63 -8.22 -16.76
C ASN E 74 10.87 -8.95 -16.24
N LYS E 75 10.89 -10.29 -16.30
CA LYS E 75 12.05 -11.09 -15.91
C LYS E 75 12.38 -10.93 -14.43
N LYS E 76 11.34 -11.06 -13.59
CA LYS E 76 11.51 -11.04 -12.14
C LYS E 76 10.68 -12.17 -11.54
N THR E 77 11.07 -12.58 -10.34
CA THR E 77 10.41 -13.70 -9.66
C THR E 77 9.57 -13.26 -8.46
N ARG E 78 9.38 -11.96 -8.27
CA ARG E 78 8.53 -11.45 -7.19
C ARG E 78 7.63 -10.35 -7.73
N ILE E 79 6.51 -10.15 -7.06
CA ILE E 79 5.48 -9.20 -7.49
C ILE E 79 5.61 -7.93 -6.67
N ILE E 80 5.57 -6.79 -7.35
CA ILE E 80 5.67 -5.48 -6.71
C ILE E 80 4.51 -4.63 -7.20
N PRO E 81 4.19 -3.53 -6.50
CA PRO E 81 2.98 -2.76 -6.85
C PRO E 81 2.93 -2.29 -8.29
N ARG E 82 4.08 -2.07 -8.93
CA ARG E 82 4.07 -1.73 -10.35
C ARG E 82 3.41 -2.81 -11.17
N HIS E 83 3.68 -4.08 -10.86
CA HIS E 83 3.07 -5.19 -11.56
C HIS E 83 1.57 -5.23 -11.34
N LEU E 84 1.11 -4.98 -10.11
CA LEU E 84 -0.32 -4.93 -9.85
C LEU E 84 -1.00 -3.82 -10.65
N GLN E 85 -0.38 -2.64 -10.70
CA GLN E 85 -0.96 -1.54 -11.47
C GLN E 85 -1.01 -1.88 -12.96
N LEU E 86 0.07 -2.48 -13.48
CA LEU E 86 0.08 -2.86 -14.90
C LEU E 86 -0.99 -3.89 -15.20
N ALA E 87 -1.18 -4.87 -14.32
CA ALA E 87 -2.20 -5.88 -14.53
C ALA E 87 -3.60 -5.28 -14.49
N VAL E 88 -3.85 -4.38 -13.53
CA VAL E 88 -5.19 -3.84 -13.37
C VAL E 88 -5.54 -2.90 -14.53
N ARG E 89 -4.61 -2.01 -14.90
CA ARG E 89 -4.94 -0.99 -15.88
C ARG E 89 -5.06 -1.54 -17.30
N ASN E 90 -4.54 -2.73 -17.57
CA ASN E 90 -4.57 -3.30 -18.90
C ASN E 90 -5.77 -4.22 -19.14
N ASP E 91 -6.63 -4.40 -18.15
CA ASP E 91 -7.83 -5.21 -18.28
C ASP E 91 -9.04 -4.31 -18.15
N GLU E 92 -10.00 -4.46 -19.07
CA GLU E 92 -11.14 -3.56 -19.12
C GLU E 92 -12.01 -3.69 -17.88
N GLU E 93 -12.36 -4.92 -17.50
CA GLU E 93 -13.31 -5.11 -16.42
C GLU E 93 -12.71 -4.71 -15.07
N LEU E 94 -11.45 -5.11 -14.82
CA LEU E 94 -10.81 -4.74 -13.57
C LEU E 94 -10.60 -3.23 -13.50
N ASN E 95 -10.28 -2.60 -14.62
CA ASN E 95 -10.14 -1.14 -14.64
C ASN E 95 -11.48 -0.46 -14.34
N LYS E 96 -12.57 -1.00 -14.87
CA LYS E 96 -13.88 -0.44 -14.57
C LYS E 96 -14.24 -0.63 -13.10
N LEU E 97 -13.88 -1.77 -12.52
CA LEU E 97 -14.19 -2.02 -11.11
C LEU E 97 -13.47 -1.03 -10.21
N LEU E 98 -12.16 -0.90 -10.38
CA LEU E 98 -11.35 0.03 -9.58
C LEU E 98 -11.13 1.33 -10.35
N GLY E 99 -12.24 2.04 -10.61
CA GLY E 99 -12.15 3.27 -11.37
C GLY E 99 -11.77 4.49 -10.58
N ARG E 100 -11.91 4.44 -9.24
CA ARG E 100 -11.59 5.57 -8.39
C ARG E 100 -10.63 5.17 -7.28
N VAL E 101 -9.66 4.32 -7.59
CA VAL E 101 -8.72 3.79 -6.61
C VAL E 101 -7.31 4.13 -7.03
N THR E 102 -6.51 4.58 -6.07
CA THR E 102 -5.11 4.93 -6.30
C THR E 102 -4.22 3.94 -5.56
N ILE E 103 -3.26 3.35 -6.27
CA ILE E 103 -2.33 2.39 -5.70
C ILE E 103 -0.98 3.07 -5.50
N ALA E 104 -0.42 2.95 -4.29
CA ALA E 104 0.86 3.55 -4.00
C ALA E 104 1.97 2.87 -4.80
N GLN E 105 2.96 3.67 -5.20
CA GLN E 105 4.09 3.18 -5.99
C GLN E 105 3.63 2.51 -7.28
N GLY E 106 2.60 3.07 -7.90
CA GLY E 106 2.02 2.47 -9.08
C GLY E 106 2.57 2.97 -10.39
N GLY E 107 2.61 4.28 -10.57
CA GLY E 107 3.03 4.85 -11.83
C GLY E 107 1.86 5.06 -12.78
N VAL E 108 2.20 5.19 -14.07
CA VAL E 108 1.21 5.37 -15.11
C VAL E 108 1.56 4.50 -16.30
N LEU E 109 0.57 4.27 -17.16
CA LEU E 109 0.79 3.51 -18.39
C LEU E 109 1.49 4.39 -19.42
N PRO E 110 2.50 3.87 -20.11
CA PRO E 110 3.17 4.66 -21.16
C PRO E 110 2.21 4.95 -22.31
N ASN E 111 2.05 6.25 -22.60
CA ASN E 111 1.11 6.68 -23.64
C ASN E 111 1.45 8.10 -24.05
N ILE E 112 1.65 8.31 -25.34
CA ILE E 112 1.96 9.63 -25.89
C ILE E 112 1.01 9.90 -27.05
N GLN E 113 0.47 11.12 -27.11
CA GLN E 113 -0.42 11.50 -28.19
C GLN E 113 0.34 11.51 -29.51
N SER E 114 -0.38 11.24 -30.60
CA SER E 114 0.24 11.11 -31.91
C SER E 114 0.64 12.45 -32.50
N VAL E 115 -0.04 13.53 -32.14
CA VAL E 115 0.25 14.83 -32.72
C VAL E 115 1.63 15.33 -32.26
N LEU E 116 2.00 15.03 -31.02
CA LEU E 116 3.26 15.51 -30.47
C LEU E 116 4.48 14.79 -31.05
N LEU E 117 4.28 13.68 -31.75
CA LEU E 117 5.41 12.93 -32.29
C LEU E 117 6.07 13.70 -33.44
N PRO E 118 7.38 13.57 -33.58
CA PRO E 118 8.08 14.30 -34.65
C PRO E 118 7.68 13.80 -36.03
N LYS E 119 7.75 14.69 -37.00
CA LYS E 119 7.45 14.35 -38.39
C LYS E 119 8.58 13.52 -38.99
N ARG F 27 6.27 -7.40 26.75
CA ARG F 27 4.94 -8.00 26.74
C ARG F 27 4.42 -8.14 25.31
N ARG F 28 3.73 -9.25 25.04
CA ARG F 28 3.14 -9.46 23.73
C ARG F 28 2.08 -8.41 23.44
N LYS F 29 2.10 -7.88 22.22
CA LYS F 29 1.09 -6.92 21.79
C LYS F 29 -0.19 -7.65 21.40
N THR F 30 -1.27 -6.88 21.28
CA THR F 30 -2.53 -7.45 20.82
C THR F 30 -2.42 -7.92 19.38
N ARG F 31 -2.95 -9.10 19.11
CA ARG F 31 -2.85 -9.68 17.79
C ARG F 31 -3.73 -8.95 16.79
N LYS F 32 -3.30 -8.95 15.52
CA LYS F 32 -4.02 -8.30 14.44
C LYS F 32 -4.33 -9.33 13.36
N GLU F 33 -5.54 -9.24 12.80
CA GLU F 33 -6.01 -10.18 11.79
C GLU F 33 -5.78 -9.63 10.40
N SER F 34 -5.42 -10.51 9.46
CA SER F 34 -5.20 -10.12 8.08
C SER F 34 -5.54 -11.30 7.18
N TYR F 35 -5.30 -11.15 5.89
CA TYR F 35 -5.59 -12.18 4.89
C TYR F 35 -4.33 -12.70 4.20
N ALA F 36 -3.17 -12.56 4.85
CA ALA F 36 -1.92 -12.90 4.20
C ALA F 36 -1.82 -14.39 3.88
N ILE F 37 -2.22 -15.25 4.81
CA ILE F 37 -2.03 -16.68 4.65
C ILE F 37 -2.83 -17.20 3.46
N TYR F 38 -4.10 -16.79 3.36
CA TYR F 38 -4.96 -17.28 2.29
C TYR F 38 -4.54 -16.72 0.95
N VAL F 39 -4.10 -15.46 0.91
CA VAL F 39 -3.62 -14.88 -0.35
C VAL F 39 -2.38 -15.64 -0.82
N TYR F 40 -1.46 -15.96 0.10
CA TYR F 40 -0.29 -16.73 -0.28
C TYR F 40 -0.66 -18.12 -0.77
N LYS F 41 -1.65 -18.75 -0.12
CA LYS F 41 -2.10 -20.06 -0.57
C LYS F 41 -2.65 -20.01 -1.99
N VAL F 42 -3.47 -19.00 -2.28
CA VAL F 42 -4.03 -18.86 -3.63
C VAL F 42 -2.92 -18.61 -4.64
N LEU F 43 -1.96 -17.75 -4.29
CA LEU F 43 -0.86 -17.46 -5.20
C LEU F 43 -0.05 -18.71 -5.52
N LYS F 44 0.25 -19.53 -4.49
CA LYS F 44 0.95 -20.77 -4.74
C LYS F 44 0.10 -21.73 -5.57
N GLN F 45 -1.23 -21.68 -5.42
CA GLN F 45 -2.09 -22.50 -6.25
C GLN F 45 -2.02 -22.10 -7.72
N VAL F 46 -1.94 -20.80 -8.00
CA VAL F 46 -1.97 -20.33 -9.38
C VAL F 46 -0.57 -20.38 -10.00
N HIS F 47 0.39 -19.70 -9.39
CA HIS F 47 1.76 -19.66 -9.88
C HIS F 47 2.68 -20.33 -8.88
N PRO F 48 3.11 -21.57 -9.13
CA PRO F 48 3.83 -22.33 -8.10
C PRO F 48 5.20 -21.76 -7.72
N ASP F 49 5.80 -20.90 -8.53
CA ASP F 49 7.16 -20.44 -8.28
C ASP F 49 7.27 -18.92 -8.40
N THR F 50 6.36 -18.22 -7.74
CA THR F 50 6.39 -16.77 -7.69
C THR F 50 6.22 -16.30 -6.25
N GLY F 51 7.00 -15.28 -5.87
CA GLY F 51 6.90 -14.68 -4.57
C GLY F 51 6.12 -13.39 -4.60
N ILE F 52 6.13 -12.68 -3.47
CA ILE F 52 5.43 -11.41 -3.34
C ILE F 52 6.12 -10.58 -2.27
N SER F 53 6.01 -9.26 -2.41
CA SER F 53 6.59 -8.32 -1.47
C SER F 53 5.56 -7.86 -0.44
N SER F 54 6.05 -7.24 0.62
CA SER F 54 5.16 -6.84 1.72
C SER F 54 4.15 -5.79 1.29
N LYS F 55 4.60 -4.81 0.49
CA LYS F 55 3.68 -3.76 0.04
C LYS F 55 2.56 -4.34 -0.82
N ALA F 56 2.89 -5.28 -1.69
CA ALA F 56 1.86 -5.91 -2.51
C ALA F 56 0.86 -6.67 -1.64
N MET F 57 1.34 -7.34 -0.59
CA MET F 57 0.44 -8.04 0.32
C MET F 57 -0.49 -7.06 1.02
N SER F 58 0.03 -5.90 1.44
CA SER F 58 -0.82 -4.89 2.05
C SER F 58 -1.88 -4.39 1.08
N ILE F 59 -1.49 -4.18 -0.18
CA ILE F 59 -2.44 -3.74 -1.19
C ILE F 59 -3.54 -4.78 -1.38
N MET F 60 -3.17 -6.06 -1.44
CA MET F 60 -4.16 -7.12 -1.58
C MET F 60 -5.11 -7.16 -0.40
N ASN F 61 -4.59 -6.97 0.82
CA ASN F 61 -5.43 -6.95 2.00
C ASN F 61 -6.46 -5.83 1.91
N SER F 62 -6.00 -4.63 1.51
CA SER F 62 -6.92 -3.51 1.37
C SER F 62 -7.99 -3.79 0.32
N PHE F 63 -7.60 -4.41 -0.80
CA PHE F 63 -8.56 -4.73 -1.85
C PHE F 63 -9.64 -5.68 -1.34
N VAL F 64 -9.23 -6.72 -0.61
CA VAL F 64 -10.18 -7.68 -0.09
C VAL F 64 -11.16 -7.01 0.87
N ASN F 65 -10.64 -6.18 1.77
CA ASN F 65 -11.51 -5.50 2.72
C ASN F 65 -12.51 -4.60 2.02
N ASP F 66 -12.05 -3.84 1.01
CA ASP F 66 -12.93 -2.93 0.29
C ASP F 66 -14.06 -3.70 -0.39
N VAL F 67 -13.73 -4.79 -1.08
CA VAL F 67 -14.76 -5.55 -1.78
C VAL F 67 -15.76 -6.14 -0.79
N PHE F 68 -15.27 -6.69 0.32
CA PHE F 68 -16.14 -7.24 1.35
C PHE F 68 -17.13 -6.19 1.84
N GLU F 69 -16.64 -4.98 2.14
CA GLU F 69 -17.50 -3.94 2.66
C GLU F 69 -18.56 -3.55 1.64
N ARG F 70 -18.16 -3.40 0.37
CA ARG F 70 -19.13 -3.01 -0.66
C ARG F 70 -20.26 -4.03 -0.77
N ILE F 71 -19.89 -5.32 -0.86
CA ILE F 71 -20.91 -6.36 -1.04
C ILE F 71 -21.83 -6.43 0.17
N ALA F 72 -21.25 -6.36 1.38
CA ALA F 72 -22.06 -6.45 2.59
C ALA F 72 -23.04 -5.29 2.69
N GLY F 73 -22.58 -4.07 2.39
CA GLY F 73 -23.48 -2.92 2.44
C GLY F 73 -24.62 -3.04 1.42
N GLU F 74 -24.30 -3.47 0.21
CA GLU F 74 -25.34 -3.64 -0.80
C GLU F 74 -26.37 -4.67 -0.35
N ALA F 75 -25.90 -5.79 0.21
CA ALA F 75 -26.82 -6.82 0.67
C ALA F 75 -27.71 -6.31 1.80
N SER F 76 -27.14 -5.55 2.73
CA SER F 76 -27.93 -5.00 3.82
C SER F 76 -29.02 -4.08 3.30
N ARG F 77 -28.67 -3.18 2.37
CA ARG F 77 -29.68 -2.29 1.81
C ARG F 77 -30.77 -3.08 1.09
N LEU F 78 -30.39 -4.11 0.33
CA LEU F 78 -31.37 -4.93 -0.37
C LEU F 78 -32.32 -5.61 0.60
N ALA F 79 -31.79 -6.15 1.69
CA ALA F 79 -32.65 -6.78 2.69
C ALA F 79 -33.60 -5.77 3.32
N HIS F 80 -33.11 -4.56 3.59
CA HIS F 80 -33.96 -3.55 4.20
C HIS F 80 -35.08 -3.09 3.27
N TYR F 81 -34.82 -3.04 1.96
CA TYR F 81 -35.83 -2.52 1.03
C TYR F 81 -37.08 -3.37 1.03
N ASN F 82 -36.94 -4.69 1.14
CA ASN F 82 -38.05 -5.62 1.02
C ASN F 82 -38.71 -5.94 2.34
N LYS F 83 -38.34 -5.24 3.41
CA LYS F 83 -38.94 -5.44 4.74
C LYS F 83 -38.68 -6.85 5.26
N ARG F 84 -37.41 -7.24 5.31
CA ARG F 84 -36.99 -8.51 5.87
C ARG F 84 -35.90 -8.26 6.90
N SER F 85 -35.72 -9.23 7.79
CA SER F 85 -34.79 -9.08 8.91
C SER F 85 -33.70 -10.15 8.90
N THR F 86 -33.44 -10.77 7.75
CA THR F 86 -32.40 -11.78 7.66
C THR F 86 -31.68 -11.63 6.33
N ILE F 87 -30.41 -12.06 6.30
CA ILE F 87 -29.58 -12.00 5.11
C ILE F 87 -29.29 -13.43 4.68
N THR F 88 -29.63 -13.76 3.44
CA THR F 88 -29.45 -15.09 2.88
C THR F 88 -28.56 -15.00 1.63
N SER F 89 -28.38 -16.14 0.98
CA SER F 89 -27.54 -16.18 -0.22
C SER F 89 -28.20 -15.50 -1.41
N ARG F 90 -29.53 -15.36 -1.42
CA ARG F 90 -30.19 -14.64 -2.49
C ARG F 90 -29.77 -13.18 -2.51
N GLU F 91 -29.69 -12.55 -1.32
CA GLU F 91 -29.26 -11.17 -1.26
C GLU F 91 -27.83 -11.01 -1.74
N ILE F 92 -26.95 -11.95 -1.37
CA ILE F 92 -25.57 -11.90 -1.82
C ILE F 92 -25.48 -12.03 -3.34
N GLN F 93 -26.27 -12.96 -3.90
CA GLN F 93 -26.25 -13.14 -5.35
C GLN F 93 -26.73 -11.89 -6.07
N THR F 94 -27.82 -11.28 -5.59
CA THR F 94 -28.32 -10.08 -6.24
C THR F 94 -27.34 -8.91 -6.10
N ALA F 95 -26.68 -8.80 -4.95
CA ALA F 95 -25.68 -7.75 -4.76
C ALA F 95 -24.50 -7.94 -5.71
N VAL F 96 -24.06 -9.19 -5.89
CA VAL F 96 -22.98 -9.47 -6.83
C VAL F 96 -23.40 -9.12 -8.25
N ARG F 97 -24.65 -9.45 -8.60
CA ARG F 97 -25.15 -9.12 -9.93
C ARG F 97 -25.18 -7.60 -10.15
N LEU F 98 -25.56 -6.85 -9.12
CA LEU F 98 -25.67 -5.40 -9.26
C LEU F 98 -24.30 -4.73 -9.30
N LEU F 99 -23.35 -5.21 -8.51
CA LEU F 99 -22.11 -4.49 -8.27
C LEU F 99 -21.01 -4.79 -9.29
N LEU F 100 -21.07 -5.93 -9.96
CA LEU F 100 -19.95 -6.31 -10.81
C LEU F 100 -20.35 -6.28 -12.29
N PRO F 101 -19.39 -6.05 -13.19
CA PRO F 101 -19.69 -6.11 -14.62
C PRO F 101 -20.00 -7.54 -15.05
N GLY F 102 -20.53 -7.66 -16.27
CA GLY F 102 -21.20 -8.90 -16.65
C GLY F 102 -20.30 -10.12 -16.67
N GLU F 103 -19.13 -10.00 -17.30
CA GLU F 103 -18.26 -11.17 -17.44
C GLU F 103 -17.74 -11.66 -16.10
N LEU F 104 -17.36 -10.74 -15.21
CA LEU F 104 -16.99 -11.15 -13.87
C LEU F 104 -18.18 -11.67 -13.09
N ALA F 105 -19.34 -11.06 -13.29
CA ALA F 105 -20.54 -11.45 -12.54
C ALA F 105 -20.94 -12.89 -12.83
N LYS F 106 -20.89 -13.30 -14.10
CA LYS F 106 -21.30 -14.66 -14.44
C LYS F 106 -20.42 -15.69 -13.75
N HIS F 107 -19.10 -15.51 -13.83
CA HIS F 107 -18.18 -16.46 -13.22
C HIS F 107 -18.29 -16.45 -11.70
N ALA F 108 -18.46 -15.27 -11.10
CA ALA F 108 -18.63 -15.20 -9.65
C ALA F 108 -19.89 -15.94 -9.22
N VAL F 109 -20.99 -15.76 -9.95
CA VAL F 109 -22.23 -16.45 -9.63
C VAL F 109 -22.05 -17.95 -9.73
N SER F 110 -21.38 -18.42 -10.80
CA SER F 110 -21.16 -19.85 -10.95
C SER F 110 -20.35 -20.41 -9.80
N GLU F 111 -19.27 -19.73 -9.43
CA GLU F 111 -18.42 -20.21 -8.34
C GLU F 111 -19.18 -20.25 -7.02
N GLY F 112 -19.94 -19.20 -6.72
CA GLY F 112 -20.70 -19.18 -5.47
C GLY F 112 -21.74 -20.28 -5.42
N THR F 113 -22.48 -20.48 -6.51
CA THR F 113 -23.49 -21.54 -6.54
C THR F 113 -22.85 -22.91 -6.36
N LYS F 114 -21.71 -23.15 -7.03
CA LYS F 114 -21.05 -24.44 -6.90
C LYS F 114 -20.59 -24.66 -5.46
N ALA F 115 -20.03 -23.63 -4.82
CA ALA F 115 -19.57 -23.77 -3.45
C ALA F 115 -20.73 -24.07 -2.50
N VAL F 116 -21.85 -23.36 -2.68
CA VAL F 116 -23.00 -23.58 -1.79
C VAL F 116 -23.56 -24.99 -1.99
N THR F 117 -23.68 -25.44 -3.24
CA THR F 117 -24.18 -26.78 -3.49
C THR F 117 -23.27 -27.84 -2.86
N LYS F 118 -21.96 -27.69 -3.03
CA LYS F 118 -21.03 -28.65 -2.45
C LYS F 118 -21.11 -28.66 -0.93
N TYR F 119 -21.22 -27.48 -0.31
CA TYR F 119 -21.33 -27.42 1.14
C TYR F 119 -22.60 -28.10 1.63
N THR F 120 -23.73 -27.82 0.97
CA THR F 120 -25.00 -28.37 1.42
C THR F 120 -25.04 -29.89 1.24
N SER F 121 -24.50 -30.39 0.13
CA SER F 121 -24.62 -31.81 -0.16
C SER F 121 -23.93 -32.67 0.89
N ALA F 122 -22.75 -32.25 1.35
CA ALA F 122 -21.95 -33.02 2.30
C ALA F 122 -21.86 -32.33 3.65
N LYS F 123 -22.97 -31.76 4.11
CA LYS F 123 -23.01 -31.10 5.40
C LYS F 123 -22.94 -32.13 6.52
N LYS G 38 31.73 23.68 -34.12
CA LYS G 38 30.55 24.09 -33.37
C LYS G 38 30.05 22.94 -32.50
N PRO G 39 29.78 23.21 -31.22
CA PRO G 39 29.32 22.16 -30.32
C PRO G 39 27.96 21.62 -30.73
N HIS G 40 27.72 20.36 -30.36
CA HIS G 40 26.47 19.69 -30.69
C HIS G 40 25.31 20.34 -29.96
N ARG G 41 24.17 20.45 -30.65
CA ARG G 41 22.95 21.00 -30.05
C ARG G 41 21.75 20.28 -30.64
N TYR G 42 20.93 19.68 -29.78
CA TYR G 42 19.69 19.06 -30.23
C TYR G 42 18.64 20.12 -30.54
N ARG G 43 17.73 19.78 -31.44
CA ARG G 43 16.65 20.68 -31.78
C ARG G 43 15.66 20.78 -30.62
N PRO G 44 14.95 21.90 -30.49
CA PRO G 44 13.97 22.04 -29.40
C PRO G 44 12.81 21.07 -29.59
N GLY G 45 12.69 20.12 -28.66
CA GLY G 45 11.62 19.15 -28.72
C GLY G 45 12.08 17.72 -28.50
N THR G 46 13.38 17.47 -28.70
CA THR G 46 13.91 16.12 -28.55
C THR G 46 14.09 15.73 -27.09
N VAL G 47 14.73 16.60 -26.31
CA VAL G 47 14.95 16.30 -24.91
C VAL G 47 13.62 16.23 -24.15
N ALA G 48 12.63 16.99 -24.59
CA ALA G 48 11.31 16.89 -23.97
C ALA G 48 10.71 15.51 -24.16
N LEU G 49 10.81 14.96 -25.37
CA LEU G 49 10.30 13.61 -25.60
C LEU G 49 11.11 12.57 -24.85
N ARG G 50 12.42 12.76 -24.75
CA ARG G 50 13.24 11.84 -23.97
C ARG G 50 12.81 11.84 -22.50
N GLU G 51 12.56 13.02 -21.94
CA GLU G 51 12.12 13.10 -20.55
C GLU G 51 10.74 12.51 -20.37
N ILE G 52 9.85 12.71 -21.35
CA ILE G 52 8.52 12.12 -21.28
C ILE G 52 8.61 10.61 -21.23
N ARG G 53 9.45 10.03 -22.10
CA ARG G 53 9.61 8.58 -22.12
C ARG G 53 10.29 8.07 -20.85
N ARG G 54 11.20 8.87 -20.27
CA ARG G 54 11.93 8.41 -19.10
C ARG G 54 11.07 8.43 -17.84
N TYR G 55 10.27 9.49 -17.66
CA TYR G 55 9.52 9.65 -16.42
C TYR G 55 8.23 8.85 -16.39
N GLN G 56 7.85 8.22 -17.49
CA GLN G 56 6.66 7.37 -17.54
C GLN G 56 6.97 5.91 -17.25
N LYS G 57 8.23 5.58 -16.95
CA LYS G 57 8.62 4.22 -16.63
C LYS G 57 9.01 4.02 -15.17
N SER G 58 9.33 5.09 -14.45
CA SER G 58 9.74 4.99 -13.06
C SER G 58 8.54 5.17 -12.14
N THR G 59 8.75 4.97 -10.84
CA THR G 59 7.67 5.02 -9.87
C THR G 59 7.97 5.89 -8.65
N GLU G 60 9.14 6.51 -8.56
CA GLU G 60 9.48 7.25 -7.36
C GLU G 60 8.81 8.62 -7.37
N LEU G 61 8.84 9.27 -6.20
CA LEU G 61 8.23 10.59 -6.05
C LEU G 61 9.07 11.66 -6.72
N LEU G 62 8.39 12.72 -7.16
CA LEU G 62 9.03 13.78 -7.94
C LEU G 62 9.13 15.11 -7.20
N ILE G 63 8.80 15.14 -5.91
CA ILE G 63 8.89 16.36 -5.10
C ILE G 63 9.73 16.05 -3.88
N ARG G 64 10.54 17.03 -3.47
CA ARG G 64 11.37 16.87 -2.30
C ARG G 64 10.50 16.74 -1.05
N LYS G 65 11.06 16.09 -0.03
CA LYS G 65 10.26 15.71 1.14
C LYS G 65 10.19 16.82 2.19
N LEU G 66 11.32 17.46 2.50
CA LEU G 66 11.33 18.48 3.54
C LEU G 66 10.46 19.69 3.20
N PRO G 67 10.52 20.28 2.00
CA PRO G 67 9.59 21.39 1.70
C PRO G 67 8.13 20.99 1.79
N PHE G 68 7.78 19.78 1.32
CA PHE G 68 6.40 19.32 1.41
C PHE G 68 5.97 19.17 2.86
N GLN G 69 6.85 18.63 3.71
CA GLN G 69 6.54 18.50 5.12
C GLN G 69 6.32 19.87 5.75
N ARG G 70 7.17 20.84 5.42
CA ARG G 70 6.99 22.19 5.94
C ARG G 70 5.65 22.77 5.53
N LEU G 71 5.29 22.60 4.25
CA LEU G 71 4.01 23.12 3.78
C LEU G 71 2.84 22.48 4.49
N VAL G 72 2.90 21.15 4.70
CA VAL G 72 1.82 20.45 5.38
C VAL G 72 1.67 20.95 6.81
N ARG G 73 2.79 21.10 7.52
CA ARG G 73 2.73 21.58 8.90
C ARG G 73 2.18 23.00 8.96
N GLU G 74 2.62 23.87 8.04
CA GLU G 74 2.14 25.25 8.04
C GLU G 74 0.65 25.32 7.77
N ILE G 75 0.15 24.51 6.83
CA ILE G 75 -1.29 24.51 6.56
C ILE G 75 -2.05 23.98 7.77
N ALA G 76 -1.55 22.90 8.39
CA ALA G 76 -2.27 22.29 9.50
C ALA G 76 -2.26 23.13 10.77
N GLN G 77 -1.29 24.03 10.92
CA GLN G 77 -1.25 24.87 12.13
C GLN G 77 -2.43 25.81 12.23
N ASP G 78 -3.17 26.04 11.14
CA ASP G 78 -4.30 26.96 11.16
C ASP G 78 -5.52 26.41 11.88
N PHE G 79 -5.70 25.09 11.91
CA PHE G 79 -6.89 24.48 12.51
C PHE G 79 -6.69 24.09 13.98
N LYS G 80 -5.47 23.74 14.37
CA LYS G 80 -5.21 23.33 15.75
C LYS G 80 -3.76 23.63 16.08
N THR G 81 -3.53 24.07 17.31
CA THR G 81 -2.20 24.49 17.75
C THR G 81 -1.48 23.33 18.43
N ASP G 82 -0.18 23.21 18.13
CA ASP G 82 0.69 22.17 18.69
C ASP G 82 0.20 20.77 18.32
N LEU G 83 0.24 20.49 17.02
CA LEU G 83 -0.10 19.18 16.49
C LEU G 83 1.16 18.36 16.27
N ARG G 84 0.96 17.04 16.12
CA ARG G 84 2.04 16.12 15.83
C ARG G 84 1.61 15.19 14.69
N PHE G 85 2.60 14.69 13.95
CA PHE G 85 2.32 13.92 12.75
C PHE G 85 3.11 12.62 12.76
N GLN G 86 2.55 11.61 12.10
CA GLN G 86 3.26 10.37 11.82
C GLN G 86 3.81 10.42 10.41
N SER G 87 4.90 9.68 10.18
CA SER G 87 5.54 9.69 8.87
C SER G 87 4.61 9.16 7.79
N SER G 88 3.85 8.11 8.11
CA SER G 88 2.94 7.53 7.13
C SER G 88 1.89 8.51 6.67
N ALA G 89 1.44 9.41 7.56
CA ALA G 89 0.44 10.40 7.17
C ALA G 89 0.98 11.33 6.10
N VAL G 90 2.20 11.84 6.29
CA VAL G 90 2.80 12.73 5.31
C VAL G 90 3.07 11.99 4.01
N MET G 91 3.51 10.73 4.09
CA MET G 91 3.75 9.97 2.88
C MET G 91 2.47 9.78 2.08
N ALA G 92 1.37 9.44 2.76
CA ALA G 92 0.08 9.27 2.08
C ALA G 92 -0.40 10.57 1.46
N LEU G 93 -0.22 11.68 2.17
CA LEU G 93 -0.60 12.97 1.62
C LEU G 93 0.18 13.27 0.35
N GLN G 94 1.49 12.99 0.35
CA GLN G 94 2.29 13.23 -0.85
C GLN G 94 1.82 12.36 -2.01
N GLU G 95 1.55 11.08 -1.75
CA GLU G 95 1.10 10.20 -2.82
C GLU G 95 -0.20 10.69 -3.44
N ALA G 96 -1.18 11.05 -2.59
CA ALA G 96 -2.46 11.52 -3.12
C ALA G 96 -2.30 12.80 -3.92
N SER G 97 -1.50 13.75 -3.41
CA SER G 97 -1.31 15.01 -4.12
C SER G 97 -0.67 14.79 -5.48
N GLU G 98 0.36 13.94 -5.54
CA GLU G 98 1.03 13.69 -6.82
C GLU G 98 0.09 13.04 -7.82
N ALA G 99 -0.69 12.05 -7.38
CA ALA G 99 -1.63 11.41 -8.30
C ALA G 99 -2.65 12.41 -8.84
N TYR G 100 -3.19 13.26 -7.95
CA TYR G 100 -4.16 14.26 -8.38
C TYR G 100 -3.56 15.21 -9.41
N LEU G 101 -2.34 15.68 -9.16
CA LEU G 101 -1.70 16.62 -10.08
C LEU G 101 -1.44 15.98 -11.43
N VAL G 102 -0.99 14.72 -11.45
CA VAL G 102 -0.73 14.06 -12.72
C VAL G 102 -2.01 13.91 -13.53
N ALA G 103 -3.10 13.49 -12.88
CA ALA G 103 -4.36 13.36 -13.61
C ALA G 103 -4.83 14.71 -14.17
N LEU G 104 -4.70 15.77 -13.36
CA LEU G 104 -5.09 17.10 -13.82
C LEU G 104 -4.27 17.52 -15.03
N PHE G 105 -2.96 17.22 -15.02
CA PHE G 105 -2.12 17.60 -16.16
C PHE G 105 -2.49 16.83 -17.40
N GLU G 106 -2.86 15.55 -17.26
CA GLU G 106 -3.33 14.79 -18.41
C GLU G 106 -4.57 15.43 -19.04
N ASP G 107 -5.55 15.78 -18.20
CA ASP G 107 -6.75 16.42 -18.73
C ASP G 107 -6.44 17.76 -19.37
N THR G 108 -5.53 18.54 -18.77
CA THR G 108 -5.15 19.82 -19.33
C THR G 108 -4.50 19.65 -20.69
N ASN G 109 -3.64 18.64 -20.85
CA ASN G 109 -3.02 18.40 -22.15
C ASN G 109 -4.07 18.05 -23.20
N LEU G 110 -5.05 17.22 -22.83
CA LEU G 110 -6.12 16.92 -23.77
C LEU G 110 -6.86 18.19 -24.21
N CYS G 111 -7.17 19.06 -23.24
CA CYS G 111 -7.86 20.30 -23.56
C CYS G 111 -7.04 21.18 -24.48
N ALA G 112 -5.74 21.28 -24.22
CA ALA G 112 -4.87 22.11 -25.05
C ALA G 112 -4.77 21.56 -26.47
N ILE G 113 -4.70 20.24 -26.62
CA ILE G 113 -4.64 19.64 -27.95
C ILE G 113 -5.94 19.90 -28.70
N HIS G 114 -7.07 19.90 -27.99
CA HIS G 114 -8.36 20.10 -28.66
C HIS G 114 -8.43 21.43 -29.40
N ALA G 115 -7.68 22.43 -28.96
CA ALA G 115 -7.76 23.78 -29.52
C ALA G 115 -6.66 24.08 -30.54
N LYS G 116 -6.13 23.04 -31.20
CA LYS G 116 -5.07 23.16 -32.20
C LYS G 116 -3.87 23.95 -31.64
N ARG G 117 -3.26 23.38 -30.61
CA ARG G 117 -2.13 24.01 -29.94
C ARG G 117 -1.25 22.92 -29.35
N VAL G 118 -0.03 23.30 -28.98
CA VAL G 118 0.93 22.35 -28.41
C VAL G 118 1.23 22.74 -26.96
N THR G 119 1.15 24.02 -26.65
CA THR G 119 1.45 24.50 -25.31
C THR G 119 0.19 24.53 -24.45
N ILE G 120 0.39 24.40 -23.14
CA ILE G 120 -0.70 24.41 -22.18
C ILE G 120 -0.72 25.77 -21.48
N MET G 121 -1.92 26.32 -21.32
CA MET G 121 -2.14 27.65 -20.78
C MET G 121 -3.15 27.58 -19.65
N PRO G 122 -3.20 28.60 -18.78
CA PRO G 122 -4.12 28.53 -17.63
C PRO G 122 -5.58 28.35 -18.01
N LYS G 123 -5.99 28.84 -19.19
CA LYS G 123 -7.38 28.66 -19.60
C LYS G 123 -7.73 27.18 -19.73
N ASP G 124 -6.79 26.36 -20.17
CA ASP G 124 -7.04 24.92 -20.24
C ASP G 124 -7.27 24.32 -18.87
N ILE G 125 -6.46 24.72 -17.88
CA ILE G 125 -6.66 24.23 -16.51
C ILE G 125 -8.03 24.65 -16.00
N GLN G 126 -8.41 25.90 -16.26
CA GLN G 126 -9.70 26.38 -15.80
C GLN G 126 -10.84 25.60 -16.43
N LEU G 127 -10.75 25.34 -17.74
CA LEU G 127 -11.80 24.59 -18.41
C LEU G 127 -11.88 23.16 -17.89
N ALA G 128 -10.74 22.51 -17.67
CA ALA G 128 -10.75 21.15 -17.15
C ALA G 128 -11.38 21.10 -15.77
N ARG G 129 -11.02 22.04 -14.89
CA ARG G 129 -11.61 22.07 -13.56
C ARG G 129 -13.10 22.38 -13.60
N ARG G 130 -13.52 23.24 -14.53
CA ARG G 130 -14.95 23.56 -14.64
C ARG G 130 -15.75 22.35 -15.09
N ILE G 131 -15.25 21.61 -16.08
CA ILE G 131 -15.99 20.45 -16.57
C ILE G 131 -15.97 19.33 -15.54
N ARG G 132 -14.85 19.15 -14.85
CA ARG G 132 -14.77 18.11 -13.82
C ARG G 132 -15.78 18.33 -12.71
N GLY G 133 -16.20 19.57 -12.49
CA GLY G 133 -17.14 19.91 -11.44
C GLY G 133 -16.52 20.42 -10.16
N GLU G 134 -15.19 20.53 -10.11
CA GLU G 134 -14.53 20.99 -8.89
C GLU G 134 -14.78 22.48 -8.66
N ARG G 135 -14.72 23.28 -9.71
CA ARG G 135 -14.95 24.71 -9.60
C ARG G 135 -16.37 25.07 -10.03
N ALA G 136 -16.84 26.22 -9.57
CA ALA G 136 -18.18 26.69 -9.89
C ALA G 136 -18.21 27.38 -11.24
N LYS H 21 3.09 31.88 12.89
CA LYS H 21 4.19 31.25 13.59
C LYS H 21 5.48 31.38 12.79
N VAL H 22 6.49 30.60 13.15
CA VAL H 22 7.75 30.63 12.42
C VAL H 22 7.57 30.13 11.00
N LEU H 23 6.77 29.08 10.82
CA LEU H 23 6.56 28.50 9.50
C LEU H 23 5.67 29.43 8.67
N ARG H 24 6.21 29.96 7.58
CA ARG H 24 5.45 30.82 6.69
C ARG H 24 6.13 30.85 5.32
N ASP H 25 5.32 31.13 4.30
CA ASP H 25 5.79 31.25 2.91
C ASP H 25 6.53 29.99 2.47
N ASN H 26 5.99 28.82 2.83
CA ASN H 26 6.56 27.55 2.42
C ASN H 26 6.00 27.05 1.09
N ILE H 27 5.03 27.76 0.51
CA ILE H 27 4.50 27.37 -0.79
C ILE H 27 5.55 27.53 -1.88
N GLN H 28 6.55 28.38 -1.68
CA GLN H 28 7.60 28.57 -2.66
C GLN H 28 8.55 27.38 -2.76
N GLY H 29 8.44 26.42 -1.84
CA GLY H 29 9.29 25.24 -1.89
C GLY H 29 8.94 24.27 -2.98
N ILE H 30 7.78 24.42 -3.62
CA ILE H 30 7.43 23.63 -4.79
C ILE H 30 8.08 24.28 -6.00
N THR H 31 9.29 23.84 -6.33
CA THR H 31 10.10 24.50 -7.33
C THR H 31 9.54 24.27 -8.73
N LYS H 32 9.97 25.14 -9.65
CA LYS H 32 9.56 24.99 -11.05
C LYS H 32 10.01 23.68 -11.69
N PRO H 33 11.24 23.18 -11.49
CA PRO H 33 11.59 21.88 -12.05
C PRO H 33 10.70 20.73 -11.58
N ALA H 34 10.21 20.78 -10.33
CA ALA H 34 9.31 19.74 -9.86
C ALA H 34 8.00 19.73 -10.65
N ILE H 35 7.44 20.91 -10.90
CA ILE H 35 6.23 21.01 -11.71
C ILE H 35 6.51 20.54 -13.12
N ARG H 36 7.70 20.85 -13.64
CA ARG H 36 8.06 20.36 -14.97
C ARG H 36 8.11 18.84 -15.01
N ARG H 37 8.67 18.21 -13.97
CA ARG H 37 8.73 16.76 -13.92
C ARG H 37 7.34 16.15 -13.85
N LEU H 38 6.45 16.74 -13.04
CA LEU H 38 5.08 16.26 -12.98
C LEU H 38 4.40 16.36 -14.34
N ALA H 39 4.59 17.48 -15.03
CA ALA H 39 4.01 17.63 -16.36
C ALA H 39 4.57 16.61 -17.34
N ARG H 40 5.88 16.34 -17.25
CA ARG H 40 6.48 15.33 -18.12
C ARG H 40 5.88 13.96 -17.89
N ARG H 41 5.68 13.58 -16.62
CA ARG H 41 5.01 12.33 -16.34
C ARG H 41 3.58 12.34 -16.86
N GLY H 42 2.92 13.50 -16.82
CA GLY H 42 1.58 13.60 -17.38
C GLY H 42 1.53 13.53 -18.89
N GLY H 43 2.65 13.78 -19.56
CA GLY H 43 2.71 13.69 -21.00
C GLY H 43 2.65 15.00 -21.75
N VAL H 44 3.17 16.09 -21.17
CA VAL H 44 3.09 17.42 -21.76
C VAL H 44 4.44 17.77 -22.37
N LYS H 45 4.41 18.32 -23.58
CA LYS H 45 5.64 18.63 -24.33
C LYS H 45 6.09 20.08 -24.16
N ARG H 46 5.17 21.04 -24.18
CA ARG H 46 5.50 22.45 -24.02
C ARG H 46 4.67 23.05 -22.90
N ILE H 47 5.30 23.88 -22.08
CA ILE H 47 4.66 24.49 -20.92
C ILE H 47 4.82 26.00 -21.01
N SER H 48 3.71 26.72 -20.83
CA SER H 48 3.75 28.17 -20.82
C SER H 48 4.34 28.67 -19.49
N GLY H 49 4.55 29.97 -19.42
CA GLY H 49 5.20 30.60 -18.29
C GLY H 49 4.31 31.03 -17.15
N LEU H 50 3.00 30.72 -17.21
CA LEU H 50 2.06 31.15 -16.18
C LEU H 50 1.33 29.97 -15.55
N ILE H 51 1.91 28.79 -15.58
CA ILE H 51 1.25 27.60 -15.05
C ILE H 51 1.60 27.35 -13.59
N TYR H 52 2.77 27.79 -13.15
CA TYR H 52 3.26 27.47 -11.81
C TYR H 52 2.36 28.08 -10.72
N GLU H 53 1.91 29.31 -10.91
CA GLU H 53 1.04 29.95 -9.93
C GLU H 53 -0.28 29.19 -9.80
N GLU H 54 -0.88 28.82 -10.93
CA GLU H 54 -2.14 28.07 -10.90
C GLU H 54 -1.96 26.72 -10.23
N THR H 55 -0.84 26.03 -10.52
CA THR H 55 -0.58 24.74 -9.88
C THR H 55 -0.44 24.90 -8.38
N ARG H 56 0.27 25.95 -7.94
CA ARG H 56 0.41 26.19 -6.51
C ARG H 56 -0.94 26.43 -5.85
N GLY H 57 -1.79 27.22 -6.51
CA GLY H 57 -3.11 27.48 -5.93
C GLY H 57 -3.95 26.23 -5.78
N VAL H 58 -4.00 25.41 -6.83
CA VAL H 58 -4.85 24.22 -6.78
C VAL H 58 -4.30 23.22 -5.76
N LEU H 59 -2.98 23.08 -5.67
CA LEU H 59 -2.40 22.20 -4.67
C LEU H 59 -2.73 22.68 -3.26
N LYS H 60 -2.66 23.99 -3.04
CA LYS H 60 -2.99 24.52 -1.72
C LYS H 60 -4.44 24.22 -1.35
N VAL H 61 -5.36 24.39 -2.30
CA VAL H 61 -6.77 24.13 -2.00
C VAL H 61 -6.98 22.66 -1.64
N PHE H 62 -6.41 21.76 -2.44
CA PHE H 62 -6.57 20.33 -2.20
C PHE H 62 -6.04 19.95 -0.81
N LEU H 63 -4.83 20.42 -0.50
CA LEU H 63 -4.22 20.11 0.79
C LEU H 63 -5.06 20.67 1.93
N GLU H 64 -5.59 21.87 1.77
CA GLU H 64 -6.42 22.47 2.83
C GLU H 64 -7.62 21.59 3.14
N ASN H 65 -8.34 21.16 2.10
CA ASN H 65 -9.52 20.33 2.34
C ASN H 65 -9.15 19.02 3.05
N VAL H 66 -8.14 18.32 2.54
CA VAL H 66 -7.81 17.02 3.11
C VAL H 66 -7.35 17.16 4.55
N ILE H 67 -6.50 18.16 4.83
CA ILE H 67 -5.96 18.32 6.17
C ILE H 67 -7.07 18.74 7.14
N ARG H 68 -8.01 19.57 6.70
CA ARG H 68 -9.12 19.93 7.58
C ARG H 68 -9.91 18.69 7.99
N ASP H 69 -10.23 17.83 7.03
CA ASP H 69 -10.98 16.62 7.37
C ASP H 69 -10.19 15.73 8.32
N ALA H 70 -8.89 15.54 8.05
CA ALA H 70 -8.08 14.69 8.89
C ALA H 70 -7.97 15.23 10.32
N VAL H 71 -7.85 16.55 10.47
CA VAL H 71 -7.74 17.15 11.78
C VAL H 71 -9.06 17.00 12.54
N THR H 72 -10.19 17.13 11.85
CA THR H 72 -11.46 16.87 12.52
C THR H 72 -11.52 15.44 13.03
N TYR H 73 -11.10 14.48 12.20
CA TYR H 73 -11.12 13.09 12.62
C TYR H 73 -10.23 12.86 13.83
N THR H 74 -9.03 13.44 13.85
CA THR H 74 -8.14 13.26 14.99
C THR H 74 -8.62 14.02 16.22
N GLU H 75 -9.43 15.06 16.03
CA GLU H 75 -9.99 15.78 17.16
C GLU H 75 -11.09 14.99 17.85
N HIS H 76 -11.92 14.28 17.07
CA HIS H 76 -13.02 13.54 17.69
C HIS H 76 -12.53 12.48 18.66
N ALA H 77 -11.35 11.91 18.43
CA ALA H 77 -10.86 10.79 19.23
C ALA H 77 -10.05 11.24 20.45
N LYS H 78 -10.01 12.53 20.73
CA LYS H 78 -9.29 13.08 21.89
C LYS H 78 -7.81 12.70 21.84
N ARG H 79 -7.20 12.85 20.67
CA ARG H 79 -5.78 12.61 20.48
C ARG H 79 -5.08 13.91 20.09
N LYS H 80 -3.75 13.87 20.15
CA LYS H 80 -2.93 15.01 19.76
C LYS H 80 -1.96 14.66 18.63
N THR H 81 -2.12 13.49 18.01
CA THR H 81 -1.24 13.03 16.95
C THR H 81 -2.07 12.56 15.77
N VAL H 82 -1.74 13.03 14.58
CA VAL H 82 -2.44 12.64 13.36
C VAL H 82 -1.80 11.38 12.82
N THR H 83 -2.61 10.35 12.60
CA THR H 83 -2.14 9.06 12.13
C THR H 83 -2.51 8.86 10.66
N ALA H 84 -2.00 7.78 10.08
CA ALA H 84 -2.30 7.48 8.69
C ALA H 84 -3.76 7.06 8.52
N MET H 85 -4.36 6.47 9.54
CA MET H 85 -5.75 6.06 9.46
C MET H 85 -6.68 7.26 9.24
N ASP H 86 -6.39 8.37 9.91
CA ASP H 86 -7.22 9.57 9.73
C ASP H 86 -7.13 10.08 8.30
N VAL H 87 -5.93 10.09 7.73
CA VAL H 87 -5.77 10.53 6.34
C VAL H 87 -6.51 9.60 5.40
N VAL H 88 -6.41 8.30 5.62
CA VAL H 88 -7.09 7.33 4.76
C VAL H 88 -8.60 7.52 4.84
N TYR H 89 -9.12 7.72 6.05
CA TYR H 89 -10.56 7.92 6.22
C TYR H 89 -11.02 9.20 5.53
N ALA H 90 -10.25 10.28 5.67
CA ALA H 90 -10.62 11.53 5.03
C ALA H 90 -10.61 11.39 3.51
N LEU H 91 -9.59 10.73 2.97
CA LEU H 91 -9.53 10.53 1.53
C LEU H 91 -10.71 9.69 1.03
N LYS H 92 -11.04 8.63 1.76
CA LYS H 92 -12.17 7.79 1.37
C LYS H 92 -13.47 8.57 1.42
N ARG H 93 -13.64 9.40 2.45
CA ARG H 93 -14.84 10.25 2.54
C ARG H 93 -14.91 11.23 1.37
N GLN H 94 -13.75 11.74 0.94
CA GLN H 94 -13.72 12.67 -0.19
C GLN H 94 -14.06 12.00 -1.52
N GLY H 95 -13.97 10.68 -1.59
CA GLY H 95 -14.21 9.97 -2.83
C GLY H 95 -12.97 9.49 -3.56
N ARG H 96 -11.82 9.44 -2.89
CA ARG H 96 -10.56 9.01 -3.50
C ARG H 96 -9.93 7.95 -2.59
N THR H 97 -10.25 6.69 -2.84
CA THR H 97 -9.69 5.60 -2.05
C THR H 97 -8.20 5.45 -2.32
N LEU H 98 -7.46 5.09 -1.27
CA LEU H 98 -6.01 4.91 -1.35
C LEU H 98 -5.65 3.55 -0.80
N TYR H 99 -4.88 2.77 -1.56
CA TYR H 99 -4.43 1.45 -1.15
C TYR H 99 -2.95 1.49 -0.79
N GLY H 100 -2.55 0.61 0.13
CA GLY H 100 -1.18 0.43 0.51
C GLY H 100 -0.81 0.93 1.89
N PHE H 101 -1.58 1.85 2.45
CA PHE H 101 -1.33 2.39 3.78
C PHE H 101 -2.42 1.89 4.72
N GLY H 102 -2.04 1.04 5.66
CA GLY H 102 -3.01 0.50 6.59
C GLY H 102 -4.09 -0.29 5.85
N GLY H 103 -5.33 0.10 6.05
CA GLY H 103 -6.45 -0.56 5.40
C GLY H 103 -6.80 -1.90 6.03
N LYS I 10 -52.20 11.49 42.52
CA LYS I 10 -52.70 10.59 41.49
C LYS I 10 -51.70 9.49 41.18
N THR I 11 -52.19 8.41 40.56
CA THR I 11 -51.29 7.32 40.19
C THR I 11 -50.28 7.76 39.14
N ARG I 12 -50.73 8.52 38.14
CA ARG I 12 -49.86 8.98 37.06
C ARG I 12 -50.11 10.46 36.81
N ALA I 13 -49.12 11.11 36.22
CA ALA I 13 -49.23 12.51 35.84
C ALA I 13 -49.67 12.62 34.38
N LYS I 14 -49.89 13.86 33.95
CA LYS I 14 -50.29 14.09 32.57
C LYS I 14 -49.12 13.84 31.63
N ALA I 15 -49.42 13.30 30.45
CA ALA I 15 -48.38 13.00 29.47
C ALA I 15 -47.84 14.28 28.86
N LYS I 16 -46.51 14.35 28.77
CA LYS I 16 -45.82 15.50 28.17
C LYS I 16 -44.88 14.98 27.10
N THR I 17 -45.06 15.48 25.87
CA THR I 17 -44.20 15.07 24.78
C THR I 17 -42.77 15.57 25.01
N ARG I 18 -41.81 14.80 24.51
CA ARG I 18 -40.41 15.22 24.63
C ARG I 18 -40.12 16.45 23.79
N SER I 19 -40.86 16.63 22.70
CA SER I 19 -40.68 17.82 21.87
C SER I 19 -41.02 19.09 22.63
N SER I 20 -42.08 19.06 23.44
CA SER I 20 -42.45 20.23 24.21
C SER I 20 -41.37 20.59 25.22
N ARG I 21 -40.78 19.60 25.88
CA ARG I 21 -39.69 19.87 26.81
C ARG I 21 -38.46 20.39 26.09
N ALA I 22 -38.16 19.87 24.90
CA ALA I 22 -37.05 20.42 24.12
C ALA I 22 -37.41 21.70 23.38
N GLY I 23 -38.69 22.07 23.35
CA GLY I 23 -39.11 23.28 22.66
C GLY I 23 -38.95 23.24 21.16
N LEU I 24 -39.21 22.10 20.53
CA LEU I 24 -39.06 21.92 19.10
C LEU I 24 -40.42 21.69 18.45
N GLN I 25 -40.39 21.51 17.13
CA GLN I 25 -41.59 21.19 16.36
C GLN I 25 -41.52 19.84 15.67
N PHE I 26 -40.33 19.35 15.35
CA PHE I 26 -40.19 18.03 14.76
C PHE I 26 -40.32 16.95 15.85
N PRO I 27 -40.83 15.77 15.49
CA PRO I 27 -41.06 14.74 16.50
C PRO I 27 -39.75 14.13 16.98
N VAL I 28 -39.67 13.87 18.28
CA VAL I 28 -38.49 13.29 18.90
C VAL I 28 -38.65 11.78 19.07
N GLY I 29 -39.82 11.33 19.49
CA GLY I 29 -40.04 9.91 19.65
C GLY I 29 -39.94 9.14 18.33
N ARG I 30 -40.47 9.72 17.26
CA ARG I 30 -40.38 9.08 15.96
C ARG I 30 -38.93 8.95 15.51
N VAL I 31 -38.13 10.00 15.74
CA VAL I 31 -36.72 9.96 15.37
C VAL I 31 -35.97 8.94 16.21
N HIS I 32 -36.30 8.85 17.50
CA HIS I 32 -35.68 7.83 18.35
C HIS I 32 -36.00 6.43 17.85
N ARG I 33 -37.26 6.18 17.50
CA ARG I 33 -37.65 4.87 17.00
C ARG I 33 -36.93 4.55 15.68
N LEU I 34 -36.85 5.53 14.78
CA LEU I 34 -36.18 5.30 13.51
C LEU I 34 -34.69 5.03 13.71
N LEU I 35 -34.06 5.74 14.63
CA LEU I 35 -32.65 5.49 14.94
C LEU I 35 -32.46 4.10 15.52
N ARG I 36 -33.35 3.67 16.41
CA ARG I 36 -33.21 2.37 17.04
C ARG I 36 -33.42 1.24 16.04
N LYS I 37 -34.49 1.31 15.26
CA LYS I 37 -34.81 0.25 14.30
C LYS I 37 -34.27 0.58 12.91
N GLY I 38 -32.96 0.78 12.84
CA GLY I 38 -32.34 1.13 11.58
C GLY I 38 -31.01 0.48 11.34
N ASN I 39 -30.57 -0.37 12.28
CA ASN I 39 -29.29 -1.08 12.19
C ASN I 39 -28.13 -0.10 12.05
N TYR I 40 -28.02 0.82 13.01
CA TYR I 40 -26.93 1.77 13.06
C TYR I 40 -25.94 1.48 14.18
N ALA I 41 -26.41 1.12 15.36
CA ALA I 41 -25.55 0.77 16.48
C ALA I 41 -26.34 -0.06 17.46
N GLU I 42 -25.62 -0.72 18.37
CA GLU I 42 -26.28 -1.58 19.35
C GLU I 42 -27.16 -0.78 20.29
N ARG I 43 -26.69 0.39 20.72
CA ARG I 43 -27.42 1.25 21.64
C ARG I 43 -27.50 2.67 21.10
N VAL I 44 -28.53 3.39 21.54
CA VAL I 44 -28.75 4.78 21.15
C VAL I 44 -28.90 5.61 22.41
N GLY I 45 -28.15 6.70 22.50
CA GLY I 45 -28.17 7.54 23.68
C GLY I 45 -29.50 8.26 23.85
N ALA I 46 -29.51 9.18 24.80
CA ALA I 46 -30.72 9.92 25.14
C ALA I 46 -30.73 11.35 24.60
N GLY I 47 -29.62 11.82 24.04
CA GLY I 47 -29.56 13.18 23.54
C GLY I 47 -29.47 13.30 22.03
N ALA I 48 -29.22 12.17 21.36
CA ALA I 48 -29.10 12.20 19.90
C ALA I 48 -30.38 12.62 19.20
N PRO I 49 -31.57 12.12 19.55
CA PRO I 49 -32.78 12.55 18.81
C PRO I 49 -33.04 14.04 18.86
N VAL I 50 -32.75 14.68 20.00
CA VAL I 50 -32.98 16.11 20.12
C VAL I 50 -32.07 16.88 19.16
N TYR I 51 -30.80 16.49 19.12
CA TYR I 51 -29.85 17.12 18.20
C TYR I 51 -30.30 16.96 16.75
N LEU I 52 -30.66 15.73 16.37
CA LEU I 52 -31.05 15.49 14.99
C LEU I 52 -32.30 16.28 14.61
N ALA I 53 -33.30 16.30 15.51
CA ALA I 53 -34.53 17.04 15.22
C ALA I 53 -34.25 18.52 15.07
N ALA I 54 -33.41 19.08 15.94
CA ALA I 54 -33.09 20.51 15.85
C ALA I 54 -32.41 20.83 14.52
N VAL I 55 -31.45 19.99 14.11
CA VAL I 55 -30.74 20.26 12.86
C VAL I 55 -31.69 20.19 11.67
N LEU I 56 -32.54 19.16 11.63
CA LEU I 56 -33.46 19.01 10.52
C LEU I 56 -34.43 20.18 10.46
N GLU I 57 -34.96 20.61 11.61
CA GLU I 57 -35.88 21.74 11.63
C GLU I 57 -35.20 23.01 11.13
N TYR I 58 -33.95 23.25 11.53
CA TYR I 58 -33.24 24.44 11.08
C TYR I 58 -33.08 24.45 9.56
N LEU I 59 -32.65 23.32 8.99
CA LEU I 59 -32.45 23.26 7.55
C LEU I 59 -33.76 23.47 6.80
N THR I 60 -34.83 22.83 7.27
CA THR I 60 -36.14 23.00 6.63
C THR I 60 -36.59 24.46 6.68
N ALA I 61 -36.38 25.12 7.83
CA ALA I 61 -36.79 26.51 7.95
C ALA I 61 -36.03 27.39 6.98
N GLU I 62 -34.72 27.18 6.84
CA GLU I 62 -33.94 27.97 5.90
C GLU I 62 -34.44 27.82 4.47
N ILE I 63 -34.63 26.57 4.03
CA ILE I 63 -35.06 26.34 2.66
C ILE I 63 -36.45 26.96 2.43
N LEU I 64 -37.36 26.77 3.38
CA LEU I 64 -38.71 27.30 3.23
C LEU I 64 -38.70 28.82 3.18
N GLU I 65 -37.86 29.47 3.98
CA GLU I 65 -37.76 30.92 3.96
C GLU I 65 -37.35 31.41 2.57
N LEU I 66 -36.28 30.83 2.02
CA LEU I 66 -35.82 31.26 0.70
C LEU I 66 -36.89 31.01 -0.37
N ALA I 67 -37.53 29.84 -0.32
CA ALA I 67 -38.55 29.52 -1.31
C ALA I 67 -39.74 30.45 -1.23
N GLY I 68 -40.16 30.81 -0.01
CA GLY I 68 -41.26 31.73 0.15
C GLY I 68 -40.94 33.11 -0.39
N ASN I 69 -39.71 33.58 -0.16
CA ASN I 69 -39.30 34.84 -0.75
C ASN I 69 -39.36 34.79 -2.27
N ALA I 70 -38.84 33.70 -2.86
CA ALA I 70 -38.88 33.57 -4.31
C ALA I 70 -40.31 33.56 -4.84
N ALA I 71 -41.20 32.86 -4.15
CA ALA I 71 -42.60 32.82 -4.57
C ALA I 71 -43.25 34.20 -4.47
N ARG I 72 -42.97 34.93 -3.40
CA ARG I 72 -43.54 36.27 -3.27
C ARG I 72 -43.01 37.22 -4.34
N ASP I 73 -41.78 36.99 -4.80
CA ASP I 73 -41.24 37.81 -5.89
C ASP I 73 -42.09 37.67 -7.16
N ASN I 74 -42.54 36.46 -7.47
CA ASN I 74 -43.18 36.12 -8.72
C ASN I 74 -44.68 36.48 -8.69
N LYS I 75 -45.12 37.10 -7.61
CA LYS I 75 -46.50 37.56 -7.44
C LYS I 75 -47.47 36.38 -7.34
N LYS I 76 -47.16 35.45 -6.42
CA LYS I 76 -48.00 34.29 -6.17
C LYS I 76 -48.11 34.09 -4.67
N THR I 77 -49.07 33.26 -4.27
CA THR I 77 -49.30 32.94 -2.86
C THR I 77 -49.32 31.44 -2.64
N ARG I 78 -48.45 30.72 -3.33
CA ARG I 78 -48.35 29.27 -3.19
C ARG I 78 -47.03 28.82 -3.79
N ILE I 79 -46.35 27.91 -3.10
CA ILE I 79 -45.02 27.47 -3.48
C ILE I 79 -45.11 26.29 -4.43
N ILE I 80 -44.36 26.35 -5.53
CA ILE I 80 -44.30 25.28 -6.52
C ILE I 80 -42.84 24.91 -6.74
N PRO I 81 -42.56 23.75 -7.32
CA PRO I 81 -41.16 23.31 -7.43
C PRO I 81 -40.23 24.28 -8.14
N ARG I 82 -40.76 25.10 -9.05
CA ARG I 82 -39.92 26.11 -9.69
C ARG I 82 -39.32 27.06 -8.68
N HIS I 83 -40.11 27.48 -7.69
CA HIS I 83 -39.61 28.37 -6.66
C HIS I 83 -38.55 27.69 -5.81
N LEU I 84 -38.74 26.40 -5.50
CA LEU I 84 -37.73 25.67 -4.74
C LEU I 84 -36.42 25.60 -5.51
N GLN I 85 -36.49 25.32 -6.81
CA GLN I 85 -35.27 25.27 -7.63
C GLN I 85 -34.59 26.64 -7.67
N LEU I 86 -35.37 27.70 -7.84
CA LEU I 86 -34.78 29.04 -7.86
C LEU I 86 -34.11 29.37 -6.53
N ALA I 87 -34.74 29.00 -5.41
CA ALA I 87 -34.14 29.25 -4.11
C ALA I 87 -32.86 28.45 -3.92
N VAL I 88 -32.85 27.19 -4.34
CA VAL I 88 -31.70 26.34 -4.10
C VAL I 88 -30.52 26.76 -4.97
N ARG I 89 -30.75 27.03 -6.25
CA ARG I 89 -29.66 27.28 -7.18
C ARG I 89 -29.04 28.66 -7.03
N ASN I 90 -29.68 29.58 -6.32
CA ASN I 90 -29.19 30.95 -6.17
C ASN I 90 -28.40 31.16 -4.88
N ASP I 91 -28.21 30.11 -4.08
CA ASP I 91 -27.45 30.20 -2.84
C ASP I 91 -26.25 29.26 -2.92
N GLU I 92 -25.09 29.75 -2.49
CA GLU I 92 -23.86 28.98 -2.65
C GLU I 92 -23.87 27.72 -1.78
N GLU I 93 -24.18 27.87 -0.49
CA GLU I 93 -24.13 26.74 0.43
C GLU I 93 -25.17 25.68 0.05
N LEU I 94 -26.40 26.11 -0.22
CA LEU I 94 -27.44 25.15 -0.59
C LEU I 94 -27.10 24.44 -1.90
N ASN I 95 -26.56 25.18 -2.87
CA ASN I 95 -26.17 24.57 -4.14
C ASN I 95 -25.05 23.55 -3.93
N LYS I 96 -24.09 23.86 -3.06
CA LYS I 96 -23.02 22.92 -2.78
C LYS I 96 -23.55 21.67 -2.08
N LEU I 97 -24.49 21.84 -1.15
CA LEU I 97 -25.03 20.68 -0.45
C LEU I 97 -25.84 19.79 -1.37
N LEU I 98 -26.75 20.38 -2.15
CA LEU I 98 -27.54 19.63 -3.13
C LEU I 98 -26.94 19.76 -4.53
N GLY I 99 -25.72 19.25 -4.67
CA GLY I 99 -25.01 19.38 -5.93
C GLY I 99 -25.29 18.28 -6.94
N ARG I 100 -25.79 17.15 -6.47
CA ARG I 100 -26.04 15.99 -7.32
C ARG I 100 -27.50 15.54 -7.24
N VAL I 101 -28.41 16.48 -7.00
CA VAL I 101 -29.82 16.18 -6.84
C VAL I 101 -30.60 16.84 -7.96
N THR I 102 -31.58 16.11 -8.51
CA THR I 102 -32.45 16.61 -9.55
C THR I 102 -33.86 16.81 -8.98
N ILE I 103 -34.40 18.01 -9.18
CA ILE I 103 -35.75 18.33 -8.72
C ILE I 103 -36.69 18.25 -9.91
N ALA I 104 -37.74 17.46 -9.78
CA ALA I 104 -38.70 17.29 -10.88
C ALA I 104 -39.46 18.58 -11.11
N GLN I 105 -39.74 18.87 -12.38
CA GLN I 105 -40.46 20.07 -12.79
C GLN I 105 -39.76 21.34 -12.30
N GLY I 106 -38.43 21.33 -12.31
CA GLY I 106 -37.66 22.43 -11.77
C GLY I 106 -37.26 23.48 -12.79
N GLY I 107 -36.65 23.06 -13.89
CA GLY I 107 -36.14 23.97 -14.88
C GLY I 107 -34.66 24.27 -14.70
N VAL I 108 -34.23 25.38 -15.31
CA VAL I 108 -32.84 25.80 -15.27
C VAL I 108 -32.78 27.30 -14.98
N LEU I 109 -31.61 27.75 -14.56
CA LEU I 109 -31.37 29.17 -14.30
C LEU I 109 -31.11 29.89 -15.62
N PRO I 110 -31.80 31.01 -15.89
CA PRO I 110 -31.55 31.73 -17.14
C PRO I 110 -30.13 32.27 -17.20
N ASN I 111 -29.43 31.93 -18.29
CA ASN I 111 -28.04 32.33 -18.47
C ASN I 111 -27.59 32.16 -19.91
N ILE I 112 -27.07 33.22 -20.52
CA ILE I 112 -26.60 33.21 -21.90
C ILE I 112 -25.17 33.70 -21.92
N GLN I 113 -24.32 33.02 -22.70
CA GLN I 113 -22.94 33.44 -22.85
C GLN I 113 -22.86 34.77 -23.58
N SER I 114 -21.89 35.59 -23.20
CA SER I 114 -21.80 36.95 -23.74
C SER I 114 -21.32 36.95 -25.19
N VAL I 115 -20.60 35.90 -25.60
CA VAL I 115 -20.07 35.87 -26.96
C VAL I 115 -21.21 35.74 -27.98
N LEU I 116 -22.26 35.01 -27.63
CA LEU I 116 -23.37 34.78 -28.54
C LEU I 116 -24.25 36.01 -28.73
N LEU I 117 -24.14 37.01 -27.87
CA LEU I 117 -24.99 38.18 -27.99
C LEU I 117 -24.63 38.98 -29.24
N PRO I 118 -25.61 39.61 -29.87
CA PRO I 118 -25.33 40.41 -31.06
C PRO I 118 -24.53 41.66 -30.73
N LYS I 119 -23.79 42.14 -31.71
CA LYS I 119 -23.00 43.35 -31.55
C LYS I 119 -23.89 44.58 -31.53
N ARG J 27 -60.16 -7.22 4.44
CA ARG J 27 -58.83 -6.64 4.62
C ARG J 27 -58.92 -5.15 4.94
N ARG J 28 -57.85 -4.61 5.50
CA ARG J 28 -57.80 -3.20 5.89
C ARG J 28 -56.56 -2.54 5.30
N LYS J 29 -56.73 -1.32 4.82
CA LYS J 29 -55.64 -0.57 4.21
C LYS J 29 -54.62 -0.18 5.27
N THR J 30 -53.34 -0.22 4.89
CA THR J 30 -52.27 0.16 5.78
C THR J 30 -52.19 1.68 5.91
N ARG J 31 -51.30 2.12 6.80
CA ARG J 31 -51.10 3.53 7.08
C ARG J 31 -49.73 3.98 6.60
N LYS J 32 -49.65 5.21 6.10
CA LYS J 32 -48.42 5.79 5.59
C LYS J 32 -48.04 6.99 6.45
N GLU J 33 -46.75 7.10 6.76
CA GLU J 33 -46.23 8.17 7.58
C GLU J 33 -45.37 9.12 6.76
N SER J 34 -45.43 10.41 7.08
CA SER J 34 -44.69 11.42 6.35
C SER J 34 -44.36 12.56 7.30
N TYR J 35 -43.89 13.68 6.74
CA TYR J 35 -43.47 14.84 7.50
C TYR J 35 -44.30 16.08 7.16
N ALA J 36 -45.50 15.90 6.62
CA ALA J 36 -46.24 17.03 6.07
C ALA J 36 -46.65 18.02 7.15
N ILE J 37 -47.13 17.54 8.29
CA ILE J 37 -47.67 18.44 9.31
C ILE J 37 -46.57 19.30 9.92
N TYR J 38 -45.40 18.70 10.17
CA TYR J 38 -44.30 19.46 10.75
C TYR J 38 -43.78 20.52 9.77
N VAL J 39 -43.67 20.17 8.49
CA VAL J 39 -43.27 21.14 7.48
C VAL J 39 -44.27 22.27 7.40
N TYR J 40 -45.57 21.95 7.47
CA TYR J 40 -46.59 23.00 7.44
C TYR J 40 -46.49 23.91 8.66
N LYS J 41 -46.22 23.33 9.83
CA LYS J 41 -46.06 24.14 11.03
C LYS J 41 -44.88 25.09 10.89
N VAL J 42 -43.75 24.60 10.39
CA VAL J 42 -42.58 25.45 10.21
C VAL J 42 -42.88 26.55 9.19
N LEU J 43 -43.55 26.21 8.09
CA LEU J 43 -43.90 27.21 7.09
C LEU J 43 -44.80 28.30 7.66
N LYS J 44 -45.80 27.90 8.46
CA LYS J 44 -46.66 28.89 9.09
C LYS J 44 -45.89 29.75 10.09
N GLN J 45 -44.84 29.19 10.71
CA GLN J 45 -44.00 29.99 11.59
C GLN J 45 -43.20 31.02 10.81
N VAL J 46 -42.64 30.63 9.67
CA VAL J 46 -41.78 31.55 8.91
C VAL J 46 -42.61 32.55 8.13
N HIS J 47 -43.45 32.07 7.21
CA HIS J 47 -44.34 32.91 6.42
C HIS J 47 -45.78 32.60 6.82
N PRO J 48 -46.44 33.44 7.62
CA PRO J 48 -47.76 33.09 8.13
C PRO J 48 -48.90 33.24 7.12
N ASP J 49 -48.62 33.61 5.87
CA ASP J 49 -49.68 33.79 4.89
C ASP J 49 -49.28 33.21 3.53
N THR J 50 -48.70 32.02 3.54
CA THR J 50 -48.29 31.34 2.32
C THR J 50 -48.70 29.88 2.38
N GLY J 51 -49.03 29.32 1.21
CA GLY J 51 -49.41 27.94 1.09
C GLY J 51 -48.33 27.09 0.45
N ILE J 52 -48.74 25.89 0.03
CA ILE J 52 -47.83 24.95 -0.61
C ILE J 52 -48.66 23.94 -1.37
N SER J 53 -48.05 23.30 -2.37
CA SER J 53 -48.72 22.32 -3.21
C SER J 53 -48.25 20.91 -2.84
N SER J 54 -48.78 19.92 -3.57
CA SER J 54 -48.48 18.53 -3.25
C SER J 54 -47.07 18.13 -3.69
N LYS J 55 -46.68 18.56 -4.90
CA LYS J 55 -45.36 18.19 -5.40
C LYS J 55 -44.25 18.78 -4.52
N ALA J 56 -44.43 20.03 -4.08
CA ALA J 56 -43.44 20.63 -3.19
C ALA J 56 -43.37 19.87 -1.87
N MET J 57 -44.51 19.42 -1.36
CA MET J 57 -44.51 18.61 -0.14
C MET J 57 -43.73 17.32 -0.33
N SER J 58 -43.92 16.66 -1.47
CA SER J 58 -43.15 15.44 -1.76
C SER J 58 -41.66 15.73 -1.82
N ILE J 59 -41.29 16.85 -2.44
CA ILE J 59 -39.88 17.20 -2.55
C ILE J 59 -39.27 17.43 -1.17
N MET J 60 -39.97 18.16 -0.31
CA MET J 60 -39.46 18.41 1.03
C MET J 60 -39.36 17.12 1.84
N ASN J 61 -40.34 16.23 1.69
CA ASN J 61 -40.27 14.93 2.38
C ASN J 61 -39.02 14.16 1.97
N SER J 62 -38.76 14.09 0.66
CA SER J 62 -37.58 13.39 0.18
C SER J 62 -36.30 14.05 0.68
N PHE J 63 -36.26 15.37 0.72
CA PHE J 63 -35.08 16.08 1.21
C PHE J 63 -34.80 15.74 2.66
N VAL J 64 -35.83 15.76 3.50
CA VAL J 64 -35.65 15.44 4.91
C VAL J 64 -35.16 14.01 5.08
N ASN J 65 -35.76 13.07 4.35
CA ASN J 65 -35.33 11.67 4.47
C ASN J 65 -33.87 11.51 4.06
N ASP J 66 -33.47 12.16 2.97
CA ASP J 66 -32.09 12.03 2.48
C ASP J 66 -31.10 12.56 3.50
N VAL J 67 -31.38 13.74 4.07
CA VAL J 67 -30.45 14.30 5.05
C VAL J 67 -30.37 13.44 6.29
N PHE J 68 -31.52 12.93 6.76
CA PHE J 68 -31.52 12.03 7.90
C PHE J 68 -30.62 10.83 7.64
N GLU J 69 -30.76 10.21 6.46
CA GLU J 69 -29.97 9.03 6.15
C GLU J 69 -28.47 9.36 6.13
N ARG J 70 -28.11 10.47 5.51
CA ARG J 70 -26.68 10.85 5.44
C ARG J 70 -26.10 11.01 6.84
N ILE J 71 -26.76 11.80 7.68
CA ILE J 71 -26.20 12.07 9.01
C ILE J 71 -26.12 10.79 9.84
N ALA J 72 -27.19 9.96 9.79
CA ALA J 72 -27.18 8.73 10.58
C ALA J 72 -26.07 7.79 10.13
N GLY J 73 -25.86 7.65 8.82
CA GLY J 73 -24.79 6.79 8.35
C GLY J 73 -23.41 7.28 8.77
N GLU J 74 -23.19 8.59 8.66
CA GLU J 74 -21.89 9.13 9.07
C GLU J 74 -21.65 8.90 10.56
N ALA J 75 -22.68 9.12 11.38
CA ALA J 75 -22.54 8.90 12.82
C ALA J 75 -22.25 7.43 13.12
N SER J 76 -22.92 6.51 12.42
CA SER J 76 -22.66 5.09 12.64
C SER J 76 -21.24 4.72 12.30
N ARG J 77 -20.73 5.24 11.17
CA ARG J 77 -19.34 4.96 10.80
C ARG J 77 -18.37 5.52 11.85
N LEU J 78 -18.62 6.73 12.32
CA LEU J 78 -17.76 7.32 13.35
C LEU J 78 -17.76 6.48 14.61
N ALA J 79 -18.93 6.01 15.04
CA ALA J 79 -19.01 5.17 16.23
C ALA J 79 -18.24 3.87 16.04
N HIS J 80 -18.37 3.27 14.86
CA HIS J 80 -17.68 2.00 14.61
C HIS J 80 -16.17 2.16 14.56
N TYR J 81 -15.68 3.32 14.09
CA TYR J 81 -14.24 3.51 13.96
C TYR J 81 -13.54 3.46 15.31
N ASN J 82 -14.15 4.03 16.34
CA ASN J 82 -13.52 4.20 17.64
C ASN J 82 -13.79 3.07 18.61
N LYS J 83 -14.39 1.98 18.15
CA LYS J 83 -14.67 0.80 18.98
C LYS J 83 -15.63 1.13 20.12
N ARG J 84 -16.76 1.74 19.76
CA ARG J 84 -17.83 2.03 20.69
C ARG J 84 -19.10 1.29 20.25
N SER J 85 -20.05 1.16 21.19
CA SER J 85 -21.28 0.46 20.92
C SER J 85 -22.52 1.32 21.19
N THR J 86 -22.36 2.64 21.22
CA THR J 86 -23.48 3.54 21.45
C THR J 86 -23.30 4.80 20.62
N ILE J 87 -24.42 5.47 20.36
CA ILE J 87 -24.44 6.72 19.61
C ILE J 87 -24.88 7.82 20.56
N THR J 88 -24.06 8.85 20.71
CA THR J 88 -24.33 9.97 21.59
C THR J 88 -24.39 11.25 20.77
N SER J 89 -24.58 12.37 21.46
CA SER J 89 -24.66 13.67 20.77
C SER J 89 -23.31 14.08 20.18
N ARG J 90 -22.21 13.58 20.71
CA ARG J 90 -20.90 13.90 20.15
C ARG J 90 -20.77 13.39 18.73
N GLU J 91 -21.23 12.17 18.47
CA GLU J 91 -21.17 11.61 17.12
C GLU J 91 -22.02 12.44 16.17
N ILE J 92 -23.22 12.83 16.60
CA ILE J 92 -24.10 13.63 15.75
C ILE J 92 -23.44 14.98 15.44
N GLN J 93 -22.85 15.61 16.45
CA GLN J 93 -22.20 16.89 16.24
C GLN J 93 -21.03 16.77 15.26
N THR J 94 -20.20 15.73 15.42
CA THR J 94 -19.07 15.56 14.51
C THR J 94 -19.54 15.26 13.09
N ALA J 95 -20.58 14.46 12.94
CA ALA J 95 -21.11 14.18 11.61
C ALA J 95 -21.66 15.43 10.95
N VAL J 96 -22.36 16.27 11.73
CA VAL J 96 -22.88 17.53 11.20
C VAL J 96 -21.72 18.42 10.76
N ARG J 97 -20.66 18.48 11.56
CA ARG J 97 -19.50 19.28 11.18
C ARG J 97 -18.84 18.76 9.91
N LEU J 98 -18.77 17.43 9.76
CA LEU J 98 -18.11 16.85 8.60
C LEU J 98 -18.93 17.03 7.33
N LEU J 99 -20.25 16.95 7.43
CA LEU J 99 -21.10 16.93 6.23
C LEU J 99 -21.51 18.32 5.77
N LEU J 100 -22.03 19.14 6.67
CA LEU J 100 -22.54 20.45 6.28
C LEU J 100 -21.37 21.38 5.92
N PRO J 101 -21.50 22.17 4.86
CA PRO J 101 -20.40 23.04 4.44
C PRO J 101 -20.47 24.45 5.00
N GLY J 102 -19.31 24.94 5.43
CA GLY J 102 -19.17 26.35 5.77
C GLY J 102 -20.09 26.80 6.88
N GLU J 103 -20.64 28.01 6.72
CA GLU J 103 -21.45 28.63 7.76
C GLU J 103 -22.66 27.78 8.12
N LEU J 104 -23.20 27.03 7.16
CA LEU J 104 -24.33 26.15 7.44
C LEU J 104 -24.05 25.24 8.62
N ALA J 105 -22.80 24.80 8.77
CA ALA J 105 -22.47 23.99 9.94
C ALA J 105 -22.63 24.80 11.22
N LYS J 106 -22.00 25.98 11.27
CA LYS J 106 -21.86 26.70 12.53
C LYS J 106 -23.20 26.92 13.20
N HIS J 107 -24.08 27.67 12.54
CA HIS J 107 -25.41 27.93 13.08
C HIS J 107 -26.08 26.63 13.49
N ALA J 108 -26.05 25.63 12.61
CA ALA J 108 -26.71 24.36 12.90
C ALA J 108 -26.24 23.81 14.23
N VAL J 109 -24.91 23.75 14.42
CA VAL J 109 -24.37 23.21 15.65
C VAL J 109 -24.96 23.95 16.84
N SER J 110 -24.94 25.29 16.77
CA SER J 110 -25.45 26.10 17.88
C SER J 110 -26.86 25.66 18.23
N GLU J 111 -27.73 25.57 17.21
CA GLU J 111 -29.12 25.21 17.46
C GLU J 111 -29.17 23.91 18.26
N GLY J 112 -28.48 22.88 17.79
CA GLY J 112 -28.56 21.60 18.47
C GLY J 112 -28.17 21.72 19.92
N THR J 113 -27.05 22.41 20.17
CA THR J 113 -26.58 22.55 21.55
C THR J 113 -27.68 23.15 22.41
N LYS J 114 -28.26 24.25 21.95
CA LYS J 114 -29.29 24.92 22.75
C LYS J 114 -30.39 23.95 23.11
N ALA J 115 -30.87 23.20 22.11
CA ALA J 115 -31.96 22.26 22.36
C ALA J 115 -31.61 21.32 23.50
N VAL J 116 -30.42 20.71 23.42
CA VAL J 116 -30.05 19.73 24.43
C VAL J 116 -30.08 20.38 25.81
N THR J 117 -29.53 21.59 25.92
CA THR J 117 -29.48 22.25 27.21
C THR J 117 -30.89 22.39 27.78
N LYS J 118 -31.84 22.83 26.95
CA LYS J 118 -33.20 23.00 27.43
C LYS J 118 -33.76 21.67 27.92
N TYR J 119 -33.52 20.60 27.15
CA TYR J 119 -34.03 19.29 27.54
C TYR J 119 -33.47 18.84 28.86
N THR J 120 -32.26 19.30 29.21
CA THR J 120 -31.67 18.93 30.48
C THR J 120 -32.31 19.70 31.63
N SER J 121 -32.75 20.94 31.38
CA SER J 121 -33.32 21.75 32.44
C SER J 121 -34.60 21.14 33.00
N ALA J 122 -35.45 20.61 32.12
CA ALA J 122 -36.69 19.98 32.54
C ALA J 122 -36.52 18.48 32.71
N LYS K 29 63.00 -48.73 13.65
CA LYS K 29 63.14 -47.43 12.99
C LYS K 29 63.13 -47.58 11.47
N GLY K 30 63.45 -46.48 10.79
CA GLY K 30 63.49 -46.47 9.35
C GLY K 30 62.20 -45.93 8.75
N PRO K 31 62.31 -45.21 7.63
CA PRO K 31 61.13 -44.68 6.97
C PRO K 31 60.25 -45.80 6.39
N VAL K 32 58.96 -45.50 6.30
CA VAL K 32 57.99 -46.45 5.78
C VAL K 32 57.59 -46.02 4.37
N PRO K 33 57.16 -46.93 3.50
CA PRO K 33 56.80 -46.55 2.13
C PRO K 33 55.47 -45.80 2.09
N PHE K 34 55.15 -45.32 0.89
CA PHE K 34 53.90 -44.55 0.71
C PHE K 34 52.69 -45.44 0.96
N SER K 35 52.73 -46.69 0.51
CA SER K 35 51.62 -47.60 0.76
C SER K 35 51.45 -47.95 2.24
N HIS K 36 52.48 -47.71 3.06
CA HIS K 36 52.34 -47.99 4.49
C HIS K 36 51.34 -47.04 5.15
N CYS K 37 51.37 -45.77 4.79
CA CYS K 37 50.50 -44.77 5.39
C CYS K 37 49.41 -44.25 4.47
N LEU K 38 49.67 -44.09 3.17
CA LEU K 38 48.67 -43.59 2.22
C LEU K 38 48.64 -44.50 1.00
N PRO K 39 47.96 -45.65 1.10
CA PRO K 39 47.85 -46.55 -0.06
C PRO K 39 47.07 -45.95 -1.23
N THR K 40 46.95 -46.76 -2.28
CA THR K 40 46.38 -46.30 -3.56
C THR K 40 44.91 -45.92 -3.43
N GLU K 41 44.11 -46.72 -2.73
CA GLU K 41 42.69 -46.44 -2.63
C GLU K 41 42.43 -45.10 -1.95
N LYS K 42 43.12 -44.84 -0.83
CA LYS K 42 43.02 -43.52 -0.22
C LYS K 42 43.94 -42.51 -0.89
N LEU K 43 44.73 -42.95 -1.88
CA LEU K 43 45.46 -41.99 -2.71
C LEU K 43 44.56 -41.39 -3.78
N GLN K 44 43.60 -42.16 -4.30
CA GLN K 44 42.74 -41.65 -5.35
C GLN K 44 41.55 -40.86 -4.83
N ARG K 45 41.26 -40.93 -3.53
CA ARG K 45 40.16 -40.19 -2.93
C ARG K 45 40.52 -38.75 -2.61
N CYS K 46 41.56 -38.22 -3.25
CA CYS K 46 42.33 -37.13 -2.69
C CYS K 46 42.01 -35.78 -3.35
N GLU K 47 42.20 -34.70 -2.59
CA GLU K 47 42.04 -33.32 -3.04
C GLU K 47 43.06 -32.43 -2.31
N LYS K 48 43.65 -31.49 -3.03
CA LYS K 48 44.66 -30.61 -2.44
C LYS K 48 44.01 -29.47 -1.66
N ILE K 49 44.70 -28.99 -0.63
CA ILE K 49 44.22 -27.90 0.21
C ILE K 49 45.19 -26.72 0.25
N GLY K 50 46.39 -26.94 0.78
CA GLY K 50 47.29 -25.84 1.06
C GLY K 50 48.74 -26.22 0.85
N GLU K 51 49.55 -25.18 0.65
CA GLU K 51 50.97 -25.33 0.35
C GLU K 51 51.75 -24.25 1.10
N GLY K 52 53.06 -24.44 1.18
CA GLY K 52 53.90 -23.50 1.89
C GLY K 52 55.35 -23.82 1.70
N VAL K 53 56.19 -23.05 2.40
CA VAL K 53 57.64 -23.24 2.33
C VAL K 53 58.03 -24.59 2.92
N PHE K 54 57.40 -24.96 4.04
CA PHE K 54 57.76 -26.20 4.73
C PHE K 54 57.37 -27.43 3.92
N GLY K 55 56.15 -27.47 3.41
CA GLY K 55 55.65 -28.64 2.73
C GLY K 55 54.27 -28.42 2.14
N GLU K 56 53.37 -29.38 2.33
CA GLU K 56 52.00 -29.14 1.88
C GLU K 56 51.01 -29.96 2.69
N VAL K 57 49.84 -29.35 2.92
CA VAL K 57 48.73 -29.94 3.67
C VAL K 57 47.63 -30.27 2.67
N PHE K 58 46.99 -31.42 2.88
CA PHE K 58 46.34 -32.11 1.78
C PHE K 58 45.25 -33.01 2.35
N GLN K 59 44.13 -33.13 1.65
CA GLN K 59 42.94 -33.78 2.21
C GLN K 59 42.78 -35.19 1.68
N THR K 60 42.26 -36.09 2.52
CA THR K 60 41.86 -37.43 2.10
C THR K 60 40.85 -37.97 3.09
N ILE K 61 40.41 -39.20 2.87
CA ILE K 61 39.50 -39.90 3.78
C ILE K 61 40.17 -41.19 4.22
N ALA K 62 40.24 -41.40 5.54
CA ALA K 62 40.80 -42.61 6.11
C ALA K 62 39.94 -43.04 7.30
N ASP K 63 39.75 -44.35 7.43
CA ASP K 63 38.93 -44.93 8.49
C ASP K 63 37.54 -44.31 8.54
N HIS K 64 36.97 -44.08 7.35
CA HIS K 64 35.64 -43.48 7.21
C HIS K 64 35.57 -42.11 7.86
N THR K 65 36.68 -41.38 7.86
CA THR K 65 36.76 -40.08 8.50
C THR K 65 37.64 -39.17 7.64
N PRO K 66 37.19 -37.94 7.36
CA PRO K 66 38.05 -37.01 6.60
C PRO K 66 39.24 -36.57 7.43
N VAL K 67 40.44 -36.78 6.89
CA VAL K 67 41.68 -36.45 7.59
C VAL K 67 42.58 -35.65 6.65
N ALA K 68 43.53 -34.95 7.26
CA ALA K 68 44.48 -34.12 6.54
C ALA K 68 45.88 -34.71 6.70
N ILE K 69 46.55 -34.92 5.57
CA ILE K 69 47.92 -35.39 5.52
C ILE K 69 48.82 -34.19 5.23
N LYS K 70 49.80 -33.99 6.11
CA LYS K 70 50.75 -32.89 6.04
C LYS K 70 52.13 -33.48 5.79
N ILE K 71 52.74 -33.12 4.66
CA ILE K 71 54.02 -33.70 4.24
C ILE K 71 55.10 -32.62 4.25
N ILE K 72 56.17 -32.86 5.00
CA ILE K 72 57.33 -31.96 5.10
C ILE K 72 58.58 -32.74 4.68
N ALA K 73 59.36 -32.19 3.76
CA ALA K 73 60.64 -32.79 3.45
C ALA K 73 61.66 -32.47 4.54
N ILE K 74 62.44 -33.47 4.94
CA ILE K 74 63.46 -33.31 5.97
C ILE K 74 64.74 -33.96 5.48
N GLU K 75 65.85 -33.57 6.12
CA GLU K 75 67.18 -34.09 5.81
C GLU K 75 67.56 -33.86 4.35
N GLY K 76 67.00 -32.82 3.74
CA GLY K 76 67.23 -32.55 2.35
C GLY K 76 67.95 -31.23 2.12
N PRO K 77 69.21 -31.31 1.67
CA PRO K 77 69.96 -30.09 1.37
C PRO K 77 69.69 -29.58 -0.04
N ASP K 78 68.41 -29.51 -0.42
CA ASP K 78 68.00 -29.10 -1.75
C ASP K 78 67.11 -27.87 -1.65
N LEU K 79 67.34 -26.90 -2.53
CA LEU K 79 66.59 -25.65 -2.51
C LEU K 79 65.16 -25.90 -2.98
N VAL K 80 64.20 -25.69 -2.09
CA VAL K 80 62.79 -25.89 -2.40
C VAL K 80 62.01 -24.65 -1.97
N ASN K 81 61.21 -24.10 -2.89
CA ASN K 81 60.42 -22.91 -2.65
C ASN K 81 61.27 -21.71 -2.23
N GLY K 82 62.54 -21.69 -2.65
CA GLY K 82 63.45 -20.61 -2.32
C GLY K 82 64.38 -20.88 -1.16
N SER K 83 64.26 -22.02 -0.50
CA SER K 83 65.11 -22.35 0.64
C SER K 83 65.34 -23.85 0.69
N HIS K 84 66.38 -24.25 1.41
CA HIS K 84 66.62 -25.66 1.64
C HIS K 84 65.78 -26.15 2.83
N GLN K 85 65.89 -27.44 3.13
CA GLN K 85 65.11 -28.07 4.19
C GLN K 85 65.98 -28.30 5.41
N LYS K 86 65.40 -28.09 6.59
CA LYS K 86 66.09 -28.30 7.84
C LYS K 86 66.10 -29.79 8.17
N THR K 87 66.52 -30.13 9.39
CA THR K 87 66.58 -31.51 9.83
C THR K 87 65.35 -31.86 10.67
N PHE K 88 65.30 -33.11 11.13
CA PHE K 88 64.18 -33.55 11.96
C PHE K 88 64.16 -32.79 13.29
N GLU K 89 65.34 -32.53 13.86
CA GLU K 89 65.40 -31.88 15.16
C GLU K 89 64.82 -30.46 15.12
N GLU K 90 64.88 -29.80 13.95
CA GLU K 90 64.24 -28.50 13.82
C GLU K 90 62.73 -28.63 13.85
N ILE K 91 62.19 -29.66 13.21
CA ILE K 91 60.75 -29.92 13.27
C ILE K 91 60.31 -30.35 14.65
N LEU K 92 61.21 -30.96 15.43
CA LEU K 92 60.83 -31.54 16.72
C LEU K 92 60.10 -30.58 17.65
N PRO K 93 60.50 -29.30 17.81
CA PRO K 93 59.67 -28.39 18.60
C PRO K 93 58.25 -28.26 18.08
N GLU K 94 58.05 -28.28 16.76
CA GLU K 94 56.70 -28.13 16.23
C GLU K 94 55.81 -29.30 16.61
N ILE K 95 56.30 -30.54 16.45
CA ILE K 95 55.50 -31.69 16.85
C ILE K 95 55.35 -31.76 18.36
N ILE K 96 56.37 -31.32 19.11
CA ILE K 96 56.24 -31.24 20.55
C ILE K 96 55.06 -30.35 20.93
N ILE K 97 55.02 -29.14 20.36
CA ILE K 97 53.93 -28.21 20.64
C ILE K 97 52.61 -28.79 20.18
N SER K 98 52.61 -29.46 19.03
CA SER K 98 51.36 -30.00 18.48
C SER K 98 50.76 -31.04 19.40
N LYS K 99 51.56 -32.00 19.86
CA LYS K 99 50.96 -33.04 20.71
C LYS K 99 50.70 -32.52 22.12
N GLU K 100 51.48 -31.53 22.59
CA GLU K 100 51.14 -30.91 23.86
C GLU K 100 49.80 -30.20 23.82
N LEU K 101 49.54 -29.45 22.74
CA LEU K 101 48.24 -28.79 22.62
C LEU K 101 47.12 -29.78 22.36
N SER K 102 47.42 -30.92 21.71
CA SER K 102 46.41 -31.96 21.56
C SER K 102 46.05 -32.58 22.91
N LEU K 103 47.07 -32.86 23.73
CA LEU K 103 46.81 -33.37 25.07
C LEU K 103 46.14 -32.34 25.97
N LEU K 104 46.33 -31.06 25.67
CA LEU K 104 45.61 -30.01 26.41
C LEU K 104 44.10 -30.21 26.34
N SER K 105 43.59 -30.74 25.23
CA SER K 105 42.18 -31.07 25.14
C SER K 105 41.79 -32.19 26.08
N GLY K 106 42.74 -33.06 26.45
CA GLY K 106 42.47 -34.16 27.35
C GLY K 106 42.94 -33.89 28.77
N GLU K 107 43.20 -32.62 29.09
CA GLU K 107 43.65 -32.23 30.41
C GLU K 107 42.43 -32.00 31.32
N VAL K 108 42.60 -32.25 32.60
CA VAL K 108 41.51 -32.08 33.57
C VAL K 108 41.54 -30.68 34.17
N CYS K 109 42.72 -30.21 34.59
CA CYS K 109 42.82 -28.90 35.22
C CYS K 109 42.38 -27.79 34.27
N ASN K 110 42.77 -27.88 32.99
CA ASN K 110 42.40 -26.88 31.99
C ASN K 110 41.99 -27.62 30.73
N ARG K 111 40.70 -27.68 30.46
CA ARG K 111 40.15 -28.42 29.34
C ARG K 111 39.49 -27.48 28.34
N THR K 112 39.80 -27.66 27.07
CA THR K 112 39.15 -26.94 25.98
C THR K 112 39.16 -27.81 24.74
N GLU K 113 38.02 -27.90 24.07
CA GLU K 113 37.85 -28.75 22.89
C GLU K 113 37.91 -27.95 21.59
N GLY K 114 38.36 -26.71 21.65
CA GLY K 114 38.45 -25.85 20.49
C GLY K 114 39.76 -25.90 19.74
N PHE K 115 40.58 -26.91 19.97
CA PHE K 115 41.88 -27.06 19.34
C PHE K 115 41.89 -28.31 18.46
N ILE K 116 43.03 -28.54 17.81
CA ILE K 116 43.17 -29.63 16.84
C ILE K 116 44.01 -30.74 17.47
N GLY K 117 43.53 -31.97 17.36
CA GLY K 117 44.23 -33.13 17.87
C GLY K 117 44.82 -33.96 16.74
N LEU K 118 46.05 -34.43 16.95
CA LEU K 118 46.75 -35.23 15.97
C LEU K 118 46.18 -36.65 15.92
N ASN K 119 46.60 -37.39 14.89
CA ASN K 119 46.32 -38.81 14.77
C ASN K 119 47.56 -39.66 14.96
N SER K 120 48.63 -39.36 14.23
CA SER K 120 49.90 -40.08 14.33
C SER K 120 50.96 -39.26 13.58
N VAL K 121 52.14 -39.84 13.42
CA VAL K 121 53.22 -39.23 12.64
C VAL K 121 54.15 -40.35 12.18
N HIS K 122 54.69 -40.21 10.98
CA HIS K 122 55.55 -41.26 10.43
C HIS K 122 56.58 -40.65 9.49
N CYS K 123 57.52 -41.49 9.06
CA CYS K 123 58.57 -41.11 8.12
C CYS K 123 58.39 -41.88 6.81
N VAL K 124 58.60 -41.18 5.69
CA VAL K 124 58.36 -41.71 4.36
C VAL K 124 59.62 -41.52 3.53
N GLN K 125 59.98 -42.54 2.76
CA GLN K 125 61.09 -42.45 1.82
C GLN K 125 60.58 -42.66 0.41
N GLY K 126 61.25 -42.02 -0.55
CA GLY K 126 60.92 -42.14 -1.95
C GLY K 126 60.59 -40.80 -2.57
N SER K 127 60.08 -40.87 -3.79
CA SER K 127 59.70 -39.69 -4.56
C SER K 127 58.20 -39.44 -4.45
N TYR K 128 57.78 -38.29 -4.96
CA TYR K 128 56.36 -37.91 -4.90
C TYR K 128 55.55 -38.80 -5.83
N PRO K 129 54.46 -39.40 -5.34
CA PRO K 129 53.61 -40.21 -6.24
C PRO K 129 53.00 -39.36 -7.31
N PRO K 130 52.74 -39.93 -8.49
CA PRO K 130 52.17 -39.13 -9.60
C PRO K 130 50.80 -38.56 -9.29
N LEU K 131 50.02 -39.22 -8.44
CA LEU K 131 48.70 -38.68 -8.08
C LEU K 131 48.83 -37.34 -7.39
N LEU K 132 49.86 -37.19 -6.54
CA LEU K 132 50.08 -35.90 -5.89
C LEU K 132 50.39 -34.82 -6.92
N LEU K 133 51.21 -35.15 -7.91
CA LEU K 133 51.55 -34.19 -8.95
C LEU K 133 50.33 -33.79 -9.77
N LYS K 134 49.47 -34.77 -10.10
CA LYS K 134 48.27 -34.43 -10.88
C LYS K 134 47.29 -33.61 -10.04
N ALA K 135 47.20 -33.88 -8.73
CA ALA K 135 46.35 -33.04 -7.88
C ALA K 135 46.90 -31.62 -7.79
N TRP K 136 48.22 -31.48 -7.71
CA TRP K 136 48.84 -30.15 -7.71
C TRP K 136 48.57 -29.44 -9.03
N ASP K 137 48.65 -30.16 -10.15
CA ASP K 137 48.38 -29.55 -11.45
C ASP K 137 46.93 -29.08 -11.53
N HIS K 138 45.99 -29.90 -11.06
CA HIS K 138 44.59 -29.49 -11.04
C HIS K 138 44.39 -28.26 -10.16
N TYR K 139 45.03 -28.23 -8.99
CA TYR K 139 44.92 -27.08 -8.09
C TYR K 139 45.46 -25.82 -8.74
N ASN K 140 46.62 -25.93 -9.41
CA ASN K 140 47.21 -24.77 -10.06
C ASN K 140 46.36 -24.29 -11.23
N SER K 141 45.74 -25.23 -11.96
CA SER K 141 44.86 -24.84 -13.05
C SER K 141 43.57 -24.22 -12.54
N THR K 142 43.14 -24.57 -11.32
CA THR K 142 41.91 -24.05 -10.76
C THR K 142 42.15 -22.90 -9.80
N LYS K 143 42.97 -23.12 -8.76
CA LYS K 143 43.19 -22.10 -7.74
C LYS K 143 44.53 -21.38 -7.88
N GLY K 144 45.52 -21.99 -8.52
CA GLY K 144 46.81 -21.35 -8.69
C GLY K 144 47.72 -21.52 -7.50
N SER K 145 48.99 -21.86 -7.75
CA SER K 145 49.97 -22.09 -6.70
C SER K 145 51.23 -21.28 -6.98
N ALA K 146 51.80 -20.70 -5.93
CA ALA K 146 53.03 -19.94 -6.02
C ALA K 146 54.26 -20.76 -5.68
N ASN K 147 54.11 -22.05 -5.39
CA ASN K 147 55.22 -22.90 -5.03
C ASN K 147 55.69 -23.70 -6.24
N ASP K 148 56.90 -24.25 -6.12
CA ASP K 148 57.50 -25.01 -7.20
C ASP K 148 56.93 -26.42 -7.26
N ARG K 149 57.23 -27.12 -8.35
CA ARG K 149 56.75 -28.48 -8.54
C ARG K 149 57.40 -29.42 -7.53
N PRO K 150 56.66 -30.40 -7.02
CA PRO K 150 57.25 -31.40 -6.13
C PRO K 150 57.81 -32.64 -6.82
N ASP K 151 57.99 -32.62 -8.14
CA ASP K 151 58.34 -33.81 -8.90
C ASP K 151 59.85 -34.03 -9.05
N PHE K 152 60.68 -33.08 -8.63
CA PHE K 152 62.13 -33.28 -8.72
C PHE K 152 62.70 -34.05 -7.55
N PHE K 153 61.87 -34.43 -6.57
CA PHE K 153 62.36 -35.15 -5.42
C PHE K 153 62.82 -36.55 -5.79
N LYS K 154 63.89 -37.01 -5.15
CA LYS K 154 64.49 -38.30 -5.45
C LYS K 154 63.82 -39.42 -4.68
N ASP K 155 64.22 -40.65 -4.98
CA ASP K 155 63.66 -41.83 -4.33
C ASP K 155 64.32 -42.14 -2.99
N ASP K 156 65.35 -41.38 -2.60
CA ASP K 156 65.98 -41.54 -1.30
C ASP K 156 65.74 -40.35 -0.39
N GLN K 157 64.92 -39.39 -0.81
CA GLN K 157 64.61 -38.24 0.02
C GLN K 157 63.68 -38.64 1.15
N LEU K 158 63.85 -37.99 2.30
CA LEU K 158 63.09 -38.28 3.50
C LEU K 158 62.02 -37.23 3.73
N PHE K 159 60.81 -37.67 4.05
CA PHE K 159 59.72 -36.79 4.41
C PHE K 159 59.10 -37.25 5.72
N ILE K 160 58.43 -36.31 6.38
CA ILE K 160 57.63 -36.56 7.56
C ILE K 160 56.17 -36.39 7.18
N VAL K 161 55.36 -37.40 7.50
CA VAL K 161 53.93 -37.40 7.25
C VAL K 161 53.21 -37.25 8.57
N LEU K 162 52.26 -36.32 8.61
CA LEU K 162 51.53 -35.95 9.81
C LEU K 162 50.04 -35.97 9.51
N GLU K 163 49.24 -36.26 10.52
CA GLU K 163 47.79 -36.43 10.34
C GLU K 163 47.03 -35.47 11.25
N PHE K 164 46.06 -34.76 10.67
CA PHE K 164 45.19 -33.83 11.36
C PHE K 164 43.73 -34.18 11.13
N GLU K 165 42.88 -33.74 12.06
CA GLU K 165 41.44 -33.84 11.91
C GLU K 165 40.92 -32.68 11.07
N PHE K 166 39.90 -32.97 10.25
CA PHE K 166 39.32 -31.95 9.38
C PHE K 166 38.55 -30.94 10.21
N GLY K 167 39.09 -29.75 10.36
CA GLY K 167 38.48 -28.70 11.15
C GLY K 167 37.55 -27.76 10.40
N GLY K 168 37.33 -27.98 9.12
CA GLY K 168 36.43 -27.12 8.36
C GLY K 168 37.13 -26.26 7.34
N ILE K 169 36.60 -25.05 7.12
CA ILE K 169 37.17 -24.11 6.17
C ILE K 169 37.69 -22.90 6.93
N ASP K 170 38.57 -22.15 6.26
CA ASP K 170 39.17 -20.98 6.88
C ASP K 170 38.16 -19.84 7.00
N LEU K 171 38.47 -18.89 7.88
CA LEU K 171 37.62 -17.71 8.06
C LEU K 171 37.61 -16.83 6.83
N GLU K 172 38.71 -16.79 6.08
CA GLU K 172 38.82 -15.87 4.95
C GLU K 172 37.78 -16.16 3.88
N GLN K 173 37.62 -17.44 3.52
CA GLN K 173 36.68 -17.81 2.46
C GLN K 173 35.23 -17.76 2.93
N MET K 174 35.01 -17.68 4.24
CA MET K 174 33.69 -17.76 4.85
C MET K 174 33.15 -16.38 5.25
N ARG K 175 33.80 -15.32 4.78
CA ARG K 175 33.55 -13.98 5.30
C ARG K 175 32.20 -13.39 4.89
N THR K 176 31.49 -14.01 3.94
CA THR K 176 30.28 -13.38 3.41
C THR K 176 29.08 -14.33 3.46
N LYS K 177 29.00 -15.18 4.48
CA LYS K 177 27.82 -16.02 4.65
C LYS K 177 27.45 -16.15 6.12
N LEU K 178 28.06 -15.33 6.97
CA LEU K 178 27.81 -15.36 8.40
C LEU K 178 26.45 -14.73 8.71
N SER K 179 25.82 -15.22 9.77
CA SER K 179 24.44 -14.82 10.07
C SER K 179 24.37 -13.45 10.72
N SER K 180 24.96 -13.29 11.90
CA SER K 180 24.84 -12.04 12.65
C SER K 180 26.00 -11.93 13.63
N LEU K 181 26.04 -10.79 14.33
CA LEU K 181 27.14 -10.50 15.25
C LEU K 181 27.12 -11.40 16.49
N ALA K 182 26.01 -12.09 16.74
CA ALA K 182 25.99 -13.06 17.83
C ALA K 182 27.00 -14.17 17.60
N THR K 183 27.08 -14.65 16.36
CA THR K 183 28.09 -15.64 16.01
C THR K 183 29.50 -15.10 16.26
N ALA K 184 29.70 -13.81 15.96
CA ALA K 184 30.98 -13.17 16.29
C ALA K 184 31.24 -13.26 17.79
N LYS K 185 30.41 -12.57 18.59
CA LYS K 185 30.57 -12.61 20.05
C LYS K 185 30.90 -14.01 20.54
N SER K 186 30.21 -15.02 19.99
CA SER K 186 30.49 -16.40 20.39
C SER K 186 31.90 -16.82 20.02
N ILE K 187 32.36 -16.51 18.80
CA ILE K 187 33.65 -17.08 18.40
C ILE K 187 34.79 -16.34 19.11
N LEU K 188 34.65 -15.03 19.33
CA LEU K 188 35.63 -14.35 20.17
C LEU K 188 35.65 -14.93 21.58
N HIS K 189 34.47 -15.18 22.16
CA HIS K 189 34.42 -15.75 23.50
C HIS K 189 35.18 -17.06 23.55
N GLN K 190 34.93 -17.93 22.57
CA GLN K 190 35.57 -19.24 22.58
C GLN K 190 37.08 -19.14 22.40
N LEU K 191 37.55 -18.29 21.47
CA LEU K 191 38.99 -18.22 21.26
C LEU K 191 39.70 -17.61 22.47
N THR K 192 39.10 -16.58 23.08
CA THR K 192 39.70 -16.01 24.29
C THR K 192 39.74 -17.02 25.42
N ALA K 193 38.67 -17.82 25.58
CA ALA K 193 38.69 -18.86 26.60
C ALA K 193 39.80 -19.88 26.32
N SER K 194 39.96 -20.26 25.05
CA SER K 194 41.00 -21.23 24.70
C SER K 194 42.40 -20.68 25.00
N LEU K 195 42.66 -19.43 24.63
CA LEU K 195 43.98 -18.86 24.90
C LEU K 195 44.22 -18.70 26.40
N ALA K 196 43.21 -18.28 27.15
CA ALA K 196 43.37 -18.16 28.60
C ALA K 196 43.68 -19.52 29.23
N VAL K 197 42.97 -20.57 28.78
CA VAL K 197 43.23 -21.91 29.28
C VAL K 197 44.65 -22.34 28.94
N ALA K 198 45.08 -22.10 27.70
CA ALA K 198 46.43 -22.49 27.31
C ALA K 198 47.50 -21.74 28.11
N GLU K 199 47.27 -20.45 28.35
CA GLU K 199 48.20 -19.67 29.16
C GLU K 199 48.27 -20.22 30.58
N ALA K 200 47.11 -20.52 31.18
CA ALA K 200 47.09 -21.05 32.53
C ALA K 200 47.73 -22.43 32.60
N SER K 201 47.68 -23.19 31.50
CA SER K 201 48.21 -24.54 31.51
C SER K 201 49.73 -24.55 31.30
N LEU K 202 50.19 -24.07 30.15
CA LEU K 202 51.59 -24.22 29.79
C LEU K 202 52.26 -22.94 29.31
N ARG K 203 51.63 -21.78 29.53
CA ARG K 203 52.20 -20.48 29.15
C ARG K 203 52.55 -20.46 27.65
N PHE K 204 51.49 -20.63 26.85
CA PHE K 204 51.62 -20.75 25.41
C PHE K 204 51.49 -19.39 24.75
N GLU K 205 52.34 -19.14 23.76
CA GLU K 205 52.28 -17.93 22.94
C GLU K 205 52.21 -18.32 21.48
N HIS K 206 51.26 -17.75 20.75
CA HIS K 206 51.09 -18.07 19.34
C HIS K 206 51.93 -17.16 18.44
N ARG K 207 51.88 -15.85 18.68
CA ARG K 207 52.67 -14.85 17.98
C ARG K 207 52.37 -14.81 16.49
N ASP K 208 51.23 -15.36 16.06
CA ASP K 208 50.79 -15.26 14.68
C ASP K 208 49.30 -15.59 14.64
N LEU K 209 48.48 -14.62 14.25
CA LEU K 209 47.04 -14.83 14.21
C LEU K 209 46.44 -13.90 13.14
N HIS K 210 46.22 -14.44 11.95
CA HIS K 210 45.54 -13.73 10.89
C HIS K 210 44.17 -14.35 10.65
N TRP K 211 43.32 -13.62 9.92
CA TRP K 211 41.95 -14.10 9.69
C TRP K 211 41.89 -15.21 8.65
N GLY K 212 43.03 -15.75 8.25
CA GLY K 212 43.09 -16.98 7.48
C GLY K 212 43.46 -18.20 8.30
N ASN K 213 43.49 -18.09 9.63
CA ASN K 213 43.90 -19.18 10.50
C ASN K 213 42.77 -19.69 11.39
N VAL K 214 41.54 -19.21 11.19
CA VAL K 214 40.40 -19.58 12.00
C VAL K 214 39.54 -20.53 11.18
N LEU K 215 39.25 -21.71 11.73
CA LEU K 215 38.42 -22.71 11.07
C LEU K 215 37.12 -22.86 11.84
N LEU K 216 36.00 -22.78 11.13
CA LEU K 216 34.68 -22.92 11.72
C LEU K 216 33.93 -24.07 11.06
N LYS K 217 33.21 -24.85 11.87
CA LYS K 217 32.46 -26.00 11.38
C LYS K 217 31.08 -25.98 12.02
N LYS K 218 30.14 -26.64 11.36
CA LYS K 218 28.75 -26.70 11.82
C LYS K 218 28.59 -27.87 12.78
N THR K 219 28.08 -27.58 13.98
CA THR K 219 27.86 -28.59 15.00
C THR K 219 26.49 -28.40 15.61
N SER K 220 25.95 -29.48 16.15
CA SER K 220 24.62 -29.48 16.75
C SER K 220 24.64 -29.17 18.25
N LEU K 221 25.80 -28.88 18.82
CA LEU K 221 25.89 -28.57 20.24
C LEU K 221 25.51 -27.11 20.46
N LYS K 222 24.36 -26.88 21.09
CA LYS K 222 23.91 -25.52 21.35
C LYS K 222 24.70 -24.86 22.47
N LYS K 223 25.23 -25.65 23.40
CA LYS K 223 25.95 -25.14 24.56
C LYS K 223 27.14 -26.05 24.82
N LEU K 224 28.35 -25.53 24.67
CA LEU K 224 29.55 -26.33 24.86
C LEU K 224 30.14 -26.08 26.24
N HIS K 225 30.88 -27.07 26.74
CA HIS K 225 31.38 -27.07 28.10
C HIS K 225 32.90 -27.15 28.10
N TYR K 226 33.53 -26.49 29.09
CA TYR K 226 34.97 -26.55 29.23
C TYR K 226 35.33 -26.25 30.69
N THR K 227 36.61 -26.42 31.00
CA THR K 227 37.13 -26.21 32.34
C THR K 227 38.36 -25.33 32.27
N LEU K 228 38.43 -24.33 33.15
CA LEU K 228 39.57 -23.43 33.25
C LEU K 228 40.06 -23.43 34.69
N ASN K 229 41.33 -23.79 34.88
CA ASN K 229 41.99 -23.86 36.20
C ASN K 229 41.12 -24.53 37.26
N GLY K 230 40.35 -25.54 36.86
CA GLY K 230 39.55 -26.31 37.79
C GLY K 230 38.13 -25.83 37.99
N LYS K 231 37.67 -24.87 37.21
CA LYS K 231 36.31 -24.35 37.29
C LYS K 231 35.59 -24.63 35.99
N SER K 232 34.37 -25.15 36.08
CA SER K 232 33.57 -25.51 34.91
C SER K 232 32.83 -24.29 34.40
N SER K 233 32.81 -24.12 33.08
CA SER K 233 32.09 -23.01 32.46
C SER K 233 31.60 -23.47 31.09
N THR K 234 30.76 -22.64 30.48
CA THR K 234 30.09 -22.99 29.24
C THR K 234 30.15 -21.83 28.27
N ILE K 235 30.03 -22.16 26.98
CA ILE K 235 30.01 -21.19 25.90
C ILE K 235 28.81 -21.45 25.00
N PRO K 236 28.00 -20.43 24.68
CA PRO K 236 26.96 -20.60 23.67
C PRO K 236 27.56 -20.63 22.28
N SER K 237 27.63 -21.81 21.67
CA SER K 237 28.32 -21.98 20.40
C SER K 237 27.51 -21.49 19.21
N CYS K 238 26.20 -21.27 19.39
CA CYS K 238 25.32 -20.88 18.28
C CYS K 238 25.40 -21.87 17.13
N GLY K 239 25.53 -23.15 17.47
CA GLY K 239 25.66 -24.19 16.49
C GLY K 239 26.90 -24.06 15.63
N LEU K 240 28.04 -23.80 16.26
CA LEU K 240 29.27 -23.53 15.53
C LEU K 240 30.47 -23.89 16.40
N GLN K 241 31.33 -24.79 15.89
CA GLN K 241 32.55 -25.17 16.57
C GLN K 241 33.74 -24.50 15.89
N VAL K 242 34.73 -24.10 16.69
CA VAL K 242 35.85 -23.32 16.19
C VAL K 242 37.15 -24.07 16.43
N SER K 243 38.18 -23.66 15.69
CA SER K 243 39.53 -24.12 15.93
C SER K 243 40.50 -23.16 15.26
N ILE K 244 41.76 -23.23 15.69
CA ILE K 244 42.84 -22.49 15.05
C ILE K 244 44.02 -23.43 14.85
N ILE K 245 44.76 -23.21 13.75
CA ILE K 245 45.78 -24.17 13.35
C ILE K 245 47.00 -24.07 14.26
N ASP K 246 47.88 -25.06 14.14
CA ASP K 246 49.16 -25.02 14.84
C ASP K 246 50.04 -23.93 14.26
N TYR K 247 50.92 -23.40 15.11
CA TYR K 247 51.84 -22.33 14.73
C TYR K 247 53.26 -22.87 14.73
N THR K 248 54.00 -22.60 13.65
CA THR K 248 55.39 -23.03 13.58
C THR K 248 56.28 -22.19 14.49
N LEU K 249 55.94 -20.93 14.70
CA LEU K 249 56.73 -20.02 15.53
C LEU K 249 56.15 -19.85 16.93
N SER K 250 55.19 -20.67 17.32
CA SER K 250 54.60 -20.56 18.65
C SER K 250 55.63 -20.85 19.72
N ARG K 251 55.51 -20.15 20.85
CA ARG K 251 56.45 -20.25 21.95
C ARG K 251 55.73 -20.63 23.24
N LEU K 252 56.31 -21.54 24.00
CA LEU K 252 55.77 -21.92 25.29
C LEU K 252 56.90 -22.43 26.17
N GLU K 253 56.56 -22.79 27.41
CA GLU K 253 57.56 -23.37 28.31
C GLU K 253 56.89 -24.45 29.16
N ARG K 254 57.57 -25.58 29.29
CA ARG K 254 57.12 -26.71 30.09
C ARG K 254 58.20 -27.04 31.10
N ASP K 255 57.87 -26.91 32.39
CA ASP K 255 58.78 -27.27 33.49
C ASP K 255 60.11 -26.55 33.37
N GLY K 256 60.07 -25.29 32.94
CA GLY K 256 61.26 -24.49 32.79
C GLY K 256 62.01 -24.66 31.49
N ILE K 257 61.57 -25.57 30.63
CA ILE K 257 62.19 -25.79 29.32
C ILE K 257 61.38 -25.00 28.30
N VAL K 258 62.03 -24.05 27.63
CA VAL K 258 61.35 -23.15 26.70
C VAL K 258 61.47 -23.71 25.29
N VAL K 259 60.34 -23.79 24.60
CA VAL K 259 60.28 -24.21 23.20
C VAL K 259 59.83 -23.00 22.38
N PHE K 260 60.68 -22.58 21.45
CA PHE K 260 60.45 -21.38 20.65
C PHE K 260 61.49 -21.35 19.53
N CYS K 261 61.06 -20.94 18.35
CA CYS K 261 61.95 -20.80 17.20
C CYS K 261 62.35 -19.35 17.06
N ASP K 262 63.65 -19.07 17.16
CA ASP K 262 64.14 -17.71 17.15
C ASP K 262 63.81 -17.01 15.83
N VAL K 263 63.25 -15.80 15.93
CA VAL K 263 62.83 -15.02 14.77
C VAL K 263 63.51 -13.66 14.74
N SER K 264 64.65 -13.52 15.42
CA SER K 264 65.34 -12.24 15.46
C SER K 264 66.05 -11.93 14.15
N MET K 265 66.29 -12.92 13.30
CA MET K 265 67.02 -12.73 12.05
C MET K 265 66.13 -12.47 10.85
N ASP K 266 64.85 -12.84 10.91
CA ASP K 266 63.95 -12.67 9.78
C ASP K 266 63.21 -11.33 9.86
N GLU K 267 64.00 -10.27 9.83
CA GLU K 267 63.46 -8.91 9.96
C GLU K 267 62.64 -8.47 8.75
N ASP K 268 62.69 -9.23 7.65
CA ASP K 268 61.90 -8.87 6.47
C ASP K 268 60.40 -8.91 6.79
N LEU K 269 59.98 -9.88 7.59
CA LEU K 269 58.56 -9.99 7.94
C LEU K 269 58.08 -8.77 8.72
N PHE K 270 58.90 -8.29 9.66
CA PHE K 270 58.50 -7.18 10.51
C PHE K 270 58.71 -5.82 9.86
N THR K 271 59.38 -5.77 8.72
CA THR K 271 59.58 -4.52 7.99
C THR K 271 58.59 -4.33 6.85
N GLY K 272 57.61 -5.22 6.72
CA GLY K 272 56.63 -5.11 5.66
C GLY K 272 55.62 -4.03 5.93
N ASP K 273 54.71 -3.86 4.97
CA ASP K 273 53.65 -2.86 5.08
C ASP K 273 52.51 -3.27 4.15
N GLY K 274 51.40 -2.54 4.25
CA GLY K 274 50.23 -2.77 3.43
C GLY K 274 48.99 -3.15 4.20
N ASP K 275 49.12 -3.73 5.38
CA ASP K 275 47.96 -4.07 6.20
C ASP K 275 48.49 -4.29 7.63
N TYR K 276 47.57 -4.53 8.55
CA TYR K 276 47.85 -4.44 9.98
C TYR K 276 48.84 -5.50 10.49
N GLN K 277 49.00 -6.64 9.78
CA GLN K 277 49.82 -7.72 10.35
C GLN K 277 51.27 -7.28 10.54
N PHE K 278 51.82 -6.52 9.59
CA PHE K 278 53.18 -6.04 9.75
C PHE K 278 53.30 -5.03 10.89
N ASP K 279 52.26 -4.23 11.11
CA ASP K 279 52.23 -3.35 12.28
C ASP K 279 52.29 -4.17 13.56
N ILE K 280 51.49 -5.24 13.65
CA ILE K 280 51.55 -6.11 14.81
C ILE K 280 52.94 -6.73 14.94
N TYR K 281 53.56 -7.05 13.81
CA TYR K 281 54.90 -7.65 13.84
C TYR K 281 55.92 -6.67 14.43
N ARG K 282 55.85 -5.39 14.05
CA ARG K 282 56.79 -4.45 14.64
C ARG K 282 56.47 -4.18 16.11
N LEU K 283 55.19 -4.26 16.50
CA LEU K 283 54.88 -4.17 17.94
C LEU K 283 55.49 -5.33 18.71
N MET K 284 55.39 -6.56 18.19
CA MET K 284 56.01 -7.68 18.89
C MET K 284 57.52 -7.71 18.74
N LYS K 285 58.06 -6.91 17.82
CA LYS K 285 59.50 -6.67 17.82
C LYS K 285 59.91 -5.65 18.88
N LYS K 286 59.06 -4.67 19.19
CA LYS K 286 59.46 -3.59 20.07
C LYS K 286 59.15 -3.84 21.55
N GLU K 287 58.07 -4.58 21.87
CA GLU K 287 57.65 -4.67 23.27
C GLU K 287 58.53 -5.59 24.09
N ASN K 288 59.28 -6.49 23.46
CA ASN K 288 60.10 -7.47 24.16
C ASN K 288 61.58 -7.29 23.87
N ASN K 289 61.96 -6.09 23.42
CA ASN K 289 63.34 -5.64 23.20
C ASN K 289 64.26 -6.73 22.68
N ASN K 290 63.75 -7.54 21.75
CA ASN K 290 64.46 -8.61 21.05
C ASN K 290 64.87 -9.76 21.96
N ARG K 291 64.56 -9.70 23.26
CA ARG K 291 64.81 -10.81 24.18
C ARG K 291 63.57 -11.70 24.17
N TRP K 292 63.54 -12.62 23.22
CA TRP K 292 62.38 -13.49 23.02
C TRP K 292 62.40 -14.73 23.90
N GLY K 293 63.46 -14.93 24.69
CA GLY K 293 63.51 -16.07 25.59
C GLY K 293 62.62 -15.96 26.80
N GLU K 294 62.08 -14.77 27.06
CA GLU K 294 61.18 -14.55 28.19
C GLU K 294 59.74 -14.77 27.74
N TYR K 295 58.80 -14.37 28.59
CA TYR K 295 57.37 -14.56 28.34
C TYR K 295 56.66 -13.22 28.37
N HIS K 296 55.96 -12.89 27.28
CA HIS K 296 55.23 -11.63 27.16
C HIS K 296 53.83 -11.90 26.65
N PRO K 297 52.87 -12.13 27.54
CA PRO K 297 51.50 -12.45 27.09
C PRO K 297 50.71 -11.27 26.56
N TYR K 298 51.27 -10.05 26.65
CA TYR K 298 50.47 -8.87 26.31
C TYR K 298 50.16 -8.79 24.83
N SER K 299 51.10 -9.19 23.97
CA SER K 299 50.92 -9.03 22.53
C SER K 299 49.77 -9.85 21.99
N ASN K 300 49.35 -10.87 22.75
CA ASN K 300 48.17 -11.64 22.36
C ASN K 300 46.94 -10.76 22.25
N VAL K 301 46.81 -9.79 23.16
CA VAL K 301 45.63 -8.91 23.13
C VAL K 301 45.64 -8.04 21.88
N LEU K 302 46.83 -7.61 21.43
CA LEU K 302 46.90 -6.87 20.17
C LEU K 302 46.60 -7.78 18.99
N TRP K 303 46.99 -9.05 19.08
CA TRP K 303 46.63 -10.00 18.04
C TRP K 303 45.11 -10.12 17.93
N LEU K 304 44.43 -10.14 19.08
CA LEU K 304 42.96 -10.12 19.06
C LEU K 304 42.44 -8.79 18.51
N HIS K 305 43.10 -7.68 18.86
CA HIS K 305 42.73 -6.37 18.35
C HIS K 305 42.69 -6.35 16.84
N TYR K 306 43.66 -7.03 16.23
CA TYR K 306 43.67 -7.16 14.77
C TYR K 306 42.40 -7.83 14.27
N LEU K 307 41.98 -8.90 14.95
CA LEU K 307 40.76 -9.59 14.55
C LEU K 307 39.54 -8.70 14.72
N THR K 308 39.50 -7.91 15.80
CA THR K 308 38.40 -6.98 16.00
C THR K 308 38.33 -5.97 14.87
N ASP K 309 39.48 -5.39 14.51
CA ASP K 309 39.52 -4.47 13.38
C ASP K 309 39.00 -5.16 12.12
N LYS K 310 39.38 -6.40 11.91
CA LYS K 310 38.89 -7.14 10.75
C LYS K 310 37.37 -7.32 10.80
N MET K 311 36.83 -7.75 11.93
CA MET K 311 35.39 -7.98 12.00
C MET K 311 34.61 -6.70 11.79
N LEU K 312 35.06 -5.58 12.35
CA LEU K 312 34.37 -4.32 12.13
C LEU K 312 34.68 -3.66 10.79
N LYS K 313 35.66 -4.16 10.02
CA LYS K 313 35.94 -3.56 8.72
C LYS K 313 36.21 -4.54 7.59
N GLN K 314 36.10 -5.86 7.81
CA GLN K 314 36.44 -6.80 6.75
C GLN K 314 35.44 -7.95 6.60
N MET K 315 34.23 -7.81 7.11
CA MET K 315 33.23 -8.86 6.97
C MET K 315 31.85 -8.24 6.73
N THR K 316 30.98 -9.04 6.12
CA THR K 316 29.59 -8.65 5.86
C THR K 316 28.67 -9.63 6.58
N PHE K 317 27.66 -9.10 7.27
CA PHE K 317 26.70 -9.91 7.98
C PHE K 317 25.38 -9.92 7.23
N LYS K 318 24.60 -10.99 7.41
CA LYS K 318 23.38 -11.21 6.65
C LYS K 318 22.14 -10.65 7.34
N THR K 319 22.30 -9.96 8.47
CA THR K 319 21.17 -9.41 9.20
C THR K 319 21.33 -7.90 9.34
N LYS K 320 20.25 -7.18 9.08
CA LYS K 320 20.27 -5.73 9.19
C LYS K 320 20.39 -5.30 10.65
N CYS K 321 21.00 -4.13 10.85
CA CYS K 321 21.22 -3.55 12.17
C CYS K 321 19.98 -2.85 12.73
N ASN K 322 18.80 -3.11 12.16
CA ASN K 322 17.61 -2.37 12.56
C ASN K 322 17.24 -2.65 14.01
N THR K 323 17.31 -3.91 14.44
CA THR K 323 16.92 -4.26 15.80
C THR K 323 17.91 -3.66 16.80
N PRO K 324 17.43 -2.92 17.81
CA PRO K 324 18.35 -2.22 18.70
C PRO K 324 19.16 -3.13 19.61
N ALA K 325 18.70 -4.36 19.89
CA ALA K 325 19.45 -5.23 20.79
C ALA K 325 20.81 -5.59 20.21
N MET K 326 20.84 -6.08 18.97
CA MET K 326 22.12 -6.38 18.35
C MET K 326 22.86 -5.10 17.97
N LYS K 327 22.17 -3.98 17.85
CA LYS K 327 22.85 -2.70 17.66
C LYS K 327 23.70 -2.35 18.89
N GLN K 328 23.10 -2.44 20.08
CA GLN K 328 23.87 -2.20 21.29
C GLN K 328 24.92 -3.29 21.50
N ILE K 329 24.66 -4.50 21.01
CA ILE K 329 25.68 -5.54 21.03
C ILE K 329 26.89 -5.12 20.19
N LYS K 330 26.63 -4.56 19.00
CA LYS K 330 27.70 -4.08 18.14
C LYS K 330 28.45 -2.93 18.79
N ARG K 331 27.73 -2.02 19.45
CA ARG K 331 28.40 -0.92 20.14
C ARG K 331 29.27 -1.43 21.28
N LYS K 332 28.80 -2.47 21.99
CA LYS K 332 29.61 -3.08 23.04
C LYS K 332 30.86 -3.72 22.46
N ILE K 333 30.73 -4.41 21.33
CA ILE K 333 31.90 -4.95 20.66
C ILE K 333 32.86 -3.82 20.28
N GLN K 334 32.32 -2.69 19.83
CA GLN K 334 33.15 -1.56 19.45
C GLN K 334 33.93 -1.00 20.64
N GLU K 335 33.26 -0.84 21.79
CA GLU K 335 33.98 -0.28 22.93
C GLU K 335 34.96 -1.29 23.51
N PHE K 336 34.66 -2.59 23.40
CA PHE K 336 35.66 -3.61 23.71
C PHE K 336 36.89 -3.42 22.83
N HIS K 337 36.68 -3.32 21.51
CA HIS K 337 37.79 -3.13 20.59
C HIS K 337 38.59 -1.88 20.92
N ARG K 338 37.93 -0.84 21.39
CA ARG K 338 38.62 0.41 21.71
C ARG K 338 39.37 0.33 23.04
N THR K 339 38.86 -0.40 24.02
CA THR K 339 39.37 -0.33 25.39
C THR K 339 40.09 -1.58 25.88
N MET K 340 40.23 -2.61 25.04
CA MET K 340 40.88 -3.82 25.54
C MET K 340 42.36 -3.61 25.87
N LEU K 341 43.01 -2.65 25.23
CA LEU K 341 44.46 -2.53 25.26
C LEU K 341 45.01 -2.17 26.64
N ASN K 342 44.16 -1.77 27.58
CA ASN K 342 44.62 -1.39 28.91
C ASN K 342 44.70 -2.56 29.87
N PHE K 343 44.47 -3.78 29.40
CA PHE K 343 44.64 -4.97 30.23
C PHE K 343 46.05 -5.51 30.07
N SER K 344 46.31 -6.69 30.64
CA SER K 344 47.63 -7.30 30.60
C SER K 344 47.69 -8.62 29.84
N SER K 345 46.60 -9.39 29.80
CA SER K 345 46.60 -10.66 29.11
C SER K 345 45.17 -11.03 28.76
N ALA K 346 45.02 -12.11 27.98
CA ALA K 346 43.69 -12.56 27.59
C ALA K 346 42.87 -13.04 28.79
N THR K 347 43.54 -13.53 29.83
CA THR K 347 42.83 -13.94 31.04
C THR K 347 42.15 -12.75 31.71
N ASP K 348 42.83 -11.60 31.73
CA ASP K 348 42.23 -10.40 32.28
C ASP K 348 40.99 -10.00 31.49
N LEU K 349 41.06 -10.07 30.16
CA LEU K 349 39.89 -9.77 29.34
C LEU K 349 38.75 -10.73 29.63
N LEU K 350 39.09 -12.02 29.78
CA LEU K 350 38.06 -13.03 30.06
C LEU K 350 37.38 -12.77 31.41
N CYS K 351 38.17 -12.42 32.42
CA CYS K 351 37.65 -12.36 33.78
C CYS K 351 37.18 -10.97 34.21
N GLN K 352 37.41 -9.93 33.42
CA GLN K 352 37.07 -8.59 33.89
C GLN K 352 36.21 -7.80 32.90
N HIS K 353 36.44 -7.97 31.60
CA HIS K 353 35.79 -7.10 30.62
C HIS K 353 34.28 -7.32 30.59
N SER K 354 33.55 -6.26 30.22
CA SER K 354 32.09 -6.28 30.30
C SER K 354 31.49 -7.33 29.38
N LEU K 355 32.02 -7.44 28.15
CA LEU K 355 31.52 -8.45 27.21
C LEU K 355 31.74 -9.85 27.75
N PHE K 356 32.66 -10.04 28.68
CA PHE K 356 33.05 -11.36 29.14
C PHE K 356 32.58 -11.64 30.56
N LYS K 357 31.81 -10.72 31.15
CA LYS K 357 31.27 -10.89 32.49
C LYS K 357 29.75 -10.94 32.47
#